data_5MSN
#
_entry.id   5MSN
#
_cell.length_a   68.682
_cell.length_b   100.697
_cell.length_c   83.495
_cell.angle_alpha   90.00
_cell.angle_beta   100.67
_cell.angle_gamma   90.00
#
_symmetry.space_group_name_H-M   'P 1 21 1'
#
loop_
_entity.id
_entity.type
_entity.pdbx_description
1 polymer 'DCC1 protein'
2 water water
#
_entity_poly.entity_id   1
_entity_poly.type   'polypeptide(L)'
_entity_poly.pdbx_seq_one_letter_code
;GSGLSKPYMDVVGFAKTESEFETRETHGELNLNSVPIYNGELDFSDKIMKRSSTKVIGTLEELLENSPCSALEGISKWHK
IGGSVKDGVLCILSQDFLFKALHVLLMSAMAESLDLQHLNVEDTHHAVGKDIEDEFNPYTREIIETVLNKFAVQEQEAEN
NTWRLRIPFIAQWYGIQALRKYVSGISMPIDEFLIKWKSLFPPFFPCDIDIDMLRGYHFKPTDKTVQYIAKSTLPMDPKE
RFKVLFRLQSQWDLEDIKPLIEELNSRGMKIDSFIMKYARRKRLGKKTVVTSR
;
_entity_poly.pdbx_strand_id   A,B,C,D
#
# COMPACT_ATOMS: atom_id res chain seq x y z
N HIS A 27 -13.47 -11.53 -4.33
CA HIS A 27 -14.60 -11.33 -3.41
C HIS A 27 -15.05 -9.86 -3.39
N GLY A 28 -14.10 -8.94 -3.56
CA GLY A 28 -14.40 -7.53 -3.67
C GLY A 28 -14.74 -6.81 -2.39
N GLU A 29 -14.92 -7.51 -1.26
CA GLU A 29 -15.32 -6.84 -0.04
C GLU A 29 -14.24 -7.03 1.04
N LEU A 30 -14.35 -6.25 2.11
CA LEU A 30 -13.49 -6.47 3.27
C LEU A 30 -13.95 -7.70 4.01
N ASN A 31 -13.02 -8.39 4.67
CA ASN A 31 -13.36 -9.50 5.56
C ASN A 31 -13.43 -8.95 7.00
N LEU A 32 -14.64 -8.70 7.48
CA LEU A 32 -14.88 -8.13 8.80
C LEU A 32 -14.97 -9.18 9.92
N ASN A 33 -14.47 -10.41 9.70
CA ASN A 33 -14.68 -11.52 10.65
C ASN A 33 -14.19 -11.15 12.05
N SER A 34 -13.02 -10.57 12.17
CA SER A 34 -12.51 -10.29 13.50
C SER A 34 -12.64 -8.81 13.91
N VAL A 35 -13.48 -8.03 13.21
CA VAL A 35 -13.58 -6.58 13.39
C VAL A 35 -14.79 -6.29 14.27
N PRO A 36 -14.61 -5.95 15.54
CA PRO A 36 -15.76 -5.72 16.42
C PRO A 36 -16.44 -4.36 16.22
N ILE A 37 -17.68 -4.28 16.71
CA ILE A 37 -18.48 -3.05 16.62
C ILE A 37 -18.22 -2.22 17.87
N TYR A 38 -17.95 -0.94 17.68
CA TYR A 38 -17.72 -0.03 18.79
C TYR A 38 -18.98 0.83 18.97
N ASN A 39 -19.50 0.84 20.20
CA ASN A 39 -20.71 1.59 20.55
C ASN A 39 -20.45 2.56 21.71
N GLY A 40 -19.23 3.11 21.81
CA GLY A 40 -18.92 4.08 22.85
C GLY A 40 -18.53 3.54 24.21
N GLU A 41 -18.19 2.25 24.31
CA GLU A 41 -17.84 1.60 25.58
C GLU A 41 -16.55 2.15 26.17
N LEU A 42 -16.44 1.96 27.50
CA LEU A 42 -15.39 2.61 28.28
C LEU A 42 -14.03 1.95 28.11
N ASP A 43 -14.00 0.62 28.17
CA ASP A 43 -12.74 -0.11 28.16
C ASP A 43 -12.82 -1.13 27.02
N PHE A 44 -12.77 -0.66 25.77
CA PHE A 44 -13.16 -1.50 24.64
C PHE A 44 -12.21 -2.69 24.50
N SER A 45 -10.90 -2.48 24.66
CA SER A 45 -9.93 -3.54 24.39
C SER A 45 -10.04 -4.74 25.35
N ASP A 46 -10.53 -4.55 26.58
CA ASP A 46 -10.65 -5.68 27.48
C ASP A 46 -11.96 -6.44 27.30
N LYS A 47 -13.04 -5.74 27.00
CA LYS A 47 -14.26 -6.48 26.72
C LYS A 47 -14.22 -7.16 25.37
N ILE A 48 -13.14 -6.94 24.62
CA ILE A 48 -12.96 -7.54 23.32
C ILE A 48 -11.89 -8.63 23.43
N LYS A 55 -7.51 -11.84 19.77
CA LYS A 55 -8.05 -12.08 18.43
C LYS A 55 -8.55 -10.78 17.80
N VAL A 56 -7.62 -9.85 17.64
CA VAL A 56 -7.94 -8.50 17.21
C VAL A 56 -7.00 -8.09 16.09
N ILE A 57 -7.47 -7.11 15.34
CA ILE A 57 -6.76 -6.50 14.23
C ILE A 57 -6.36 -5.13 14.78
N GLY A 58 -5.10 -4.71 14.59
CA GLY A 58 -4.68 -3.43 15.16
C GLY A 58 -4.46 -2.36 14.12
N THR A 59 -4.44 -2.77 12.86
CA THR A 59 -3.97 -1.89 11.82
C THR A 59 -4.73 -2.10 10.52
N LEU A 60 -5.00 -1.00 9.81
CA LEU A 60 -5.70 -1.10 8.53
C LEU A 60 -4.86 -1.80 7.48
N GLU A 61 -3.54 -1.64 7.55
CA GLU A 61 -2.62 -2.38 6.71
C GLU A 61 -2.79 -3.89 6.90
N GLU A 62 -2.94 -4.32 8.14
CA GLU A 62 -3.21 -5.72 8.41
C GLU A 62 -4.55 -6.16 7.84
N LEU A 63 -5.60 -5.35 8.00
CA LEU A 63 -6.91 -5.77 7.51
C LEU A 63 -6.90 -5.91 5.99
N LEU A 64 -6.18 -5.03 5.29
CA LEU A 64 -6.10 -5.09 3.83
C LEU A 64 -5.34 -6.33 3.37
N GLU A 65 -4.26 -6.68 4.08
CA GLU A 65 -3.49 -7.88 3.76
C GLU A 65 -4.33 -9.15 3.86
N ASN A 66 -5.27 -9.20 4.80
CA ASN A 66 -6.10 -10.39 4.97
C ASN A 66 -7.46 -10.25 4.30
N SER A 67 -7.59 -9.37 3.28
CA SER A 67 -8.90 -9.17 2.68
C SER A 67 -8.87 -9.50 1.19
N PRO A 68 -9.91 -10.11 0.69
CA PRO A 68 -9.89 -10.57 -0.71
C PRO A 68 -10.28 -9.48 -1.69
N CYS A 69 -9.86 -8.26 -1.41
CA CYS A 69 -10.16 -7.12 -2.27
C CYS A 69 -8.85 -6.39 -2.49
N SER A 70 -8.85 -5.49 -3.47
CA SER A 70 -7.70 -4.62 -3.71
C SER A 70 -7.55 -3.58 -2.58
N ALA A 71 -6.38 -2.94 -2.51
CA ALA A 71 -6.17 -1.95 -1.44
C ALA A 71 -7.12 -0.77 -1.60
N LEU A 72 -7.30 -0.28 -2.84
CA LEU A 72 -8.18 0.88 -3.07
C LEU A 72 -9.63 0.56 -2.73
N GLU A 73 -10.09 -0.64 -3.10
CA GLU A 73 -11.45 -1.03 -2.72
C GLU A 73 -11.59 -1.10 -1.20
N GLY A 74 -10.61 -1.71 -0.53
CA GLY A 74 -10.69 -1.89 0.92
C GLY A 74 -10.70 -0.57 1.67
N ILE A 75 -9.87 0.38 1.24
CA ILE A 75 -9.80 1.69 1.89
C ILE A 75 -11.10 2.46 1.67
N SER A 76 -11.60 2.47 0.42
CA SER A 76 -12.84 3.19 0.13
C SER A 76 -13.99 2.64 0.96
N LYS A 77 -14.09 1.32 1.07
CA LYS A 77 -15.17 0.70 1.84
C LYS A 77 -15.01 0.95 3.34
N TRP A 78 -13.78 0.99 3.82
CA TRP A 78 -13.51 1.32 5.22
C TRP A 78 -14.09 2.69 5.54
N HIS A 79 -13.90 3.65 4.65
CA HIS A 79 -14.44 4.97 4.89
C HIS A 79 -15.97 4.97 4.87
N LYS A 80 -16.60 4.14 4.00
CA LYS A 80 -18.06 4.20 3.89
C LYS A 80 -18.77 3.51 5.05
N ILE A 81 -18.15 2.48 5.65
CA ILE A 81 -18.82 1.78 6.73
C ILE A 81 -18.46 2.37 8.09
N GLY A 82 -17.63 3.41 8.13
CA GLY A 82 -17.26 3.99 9.42
C GLY A 82 -16.25 3.16 10.19
N GLY A 83 -15.24 2.62 9.50
CA GLY A 83 -14.19 1.91 10.21
C GLY A 83 -13.32 2.88 11.01
N SER A 84 -12.85 2.41 12.18
CA SER A 84 -12.03 3.25 13.05
C SER A 84 -11.05 2.36 13.82
N VAL A 85 -10.41 2.93 14.85
CA VAL A 85 -9.58 2.19 15.80
C VAL A 85 -9.86 2.76 17.18
N LYS A 86 -9.97 1.88 18.16
CA LYS A 86 -10.26 2.28 19.52
C LYS A 86 -9.42 1.41 20.43
N ASP A 87 -8.58 2.03 21.25
CA ASP A 87 -7.73 1.29 22.17
C ASP A 87 -6.86 0.26 21.43
N GLY A 88 -6.35 0.64 20.25
CA GLY A 88 -5.52 -0.26 19.47
C GLY A 88 -6.26 -1.34 18.71
N VAL A 89 -7.57 -1.41 18.83
CA VAL A 89 -8.36 -2.44 18.18
C VAL A 89 -9.06 -1.85 16.95
N LEU A 90 -8.83 -2.45 15.78
CA LEU A 90 -9.58 -2.03 14.61
C LEU A 90 -11.06 -2.37 14.81
N CYS A 91 -11.93 -1.42 14.45
CA CYS A 91 -13.33 -1.59 14.78
C CYS A 91 -14.18 -0.87 13.74
N ILE A 92 -15.48 -1.04 13.88
CA ILE A 92 -16.48 -0.37 13.05
C ILE A 92 -17.47 0.29 13.99
N LEU A 93 -17.71 1.61 13.79
CA LEU A 93 -18.63 2.35 14.66
C LEU A 93 -20.08 1.89 14.42
N SER A 94 -20.81 1.64 15.51
CA SER A 94 -22.25 1.37 15.41
C SER A 94 -22.98 2.62 14.87
N GLN A 95 -24.15 2.39 14.25
CA GLN A 95 -24.85 3.50 13.61
C GLN A 95 -25.31 4.53 14.63
N ASP A 96 -25.65 4.07 15.84
CA ASP A 96 -25.99 4.99 16.93
C ASP A 96 -24.78 5.81 17.37
N PHE A 97 -23.60 5.19 17.51
CA PHE A 97 -22.44 5.95 17.94
C PHE A 97 -21.93 6.88 16.83
N LEU A 98 -22.01 6.44 15.58
CA LEU A 98 -21.65 7.32 14.47
C LEU A 98 -22.57 8.53 14.42
N PHE A 99 -23.87 8.34 14.70
CA PHE A 99 -24.77 9.48 14.73
C PHE A 99 -24.37 10.44 15.84
N LYS A 100 -24.10 9.91 17.05
CA LYS A 100 -23.69 10.78 18.15
C LYS A 100 -22.39 11.49 17.85
N ALA A 101 -21.44 10.80 17.22
CA ALA A 101 -20.16 11.46 16.93
C ALA A 101 -20.33 12.57 15.90
N LEU A 102 -21.08 12.30 14.83
CA LEU A 102 -21.32 13.38 13.86
C LEU A 102 -22.00 14.57 14.51
N HIS A 103 -22.99 14.31 15.37
CA HIS A 103 -23.77 15.36 16.01
C HIS A 103 -22.88 16.24 16.89
N VAL A 104 -22.03 15.61 17.73
CA VAL A 104 -21.19 16.45 18.58
C VAL A 104 -20.15 17.16 17.73
N LEU A 105 -19.68 16.51 16.66
CA LEU A 105 -18.71 17.16 15.79
C LEU A 105 -19.28 18.44 15.20
N LEU A 106 -20.54 18.38 14.73
CA LEU A 106 -21.19 19.52 14.10
C LEU A 106 -21.50 20.61 15.12
N MET A 107 -22.02 20.24 16.31
CA MET A 107 -22.24 21.21 17.37
C MET A 107 -20.94 21.93 17.72
N SER A 108 -19.87 21.15 17.96
CA SER A 108 -18.63 21.72 18.42
C SER A 108 -17.98 22.56 17.34
N ALA A 109 -18.03 22.12 16.10
CA ALA A 109 -17.42 22.91 15.05
C ALA A 109 -18.13 24.25 14.88
N MET A 110 -19.46 24.26 14.98
CA MET A 110 -20.15 25.54 14.90
C MET A 110 -19.84 26.41 16.10
N ALA A 111 -19.78 25.80 17.29
CA ALA A 111 -19.59 26.55 18.54
C ALA A 111 -18.25 27.27 18.54
N GLU A 112 -17.22 26.67 17.94
CA GLU A 112 -15.92 27.33 17.80
C GLU A 112 -15.76 28.07 16.49
N SER A 113 -16.84 28.24 15.73
CA SER A 113 -16.82 28.86 14.41
C SER A 113 -15.67 28.34 13.55
N LEU A 114 -15.55 27.01 13.47
CA LEU A 114 -14.61 26.47 12.50
C LEU A 114 -15.16 26.65 11.08
N ASP A 115 -14.26 26.66 10.10
CA ASP A 115 -14.63 26.79 8.69
C ASP A 115 -15.03 25.40 8.17
N LEU A 116 -16.36 25.17 7.99
CA LEU A 116 -16.94 23.87 7.64
C LEU A 116 -16.50 23.37 6.26
N GLN A 117 -15.96 24.29 5.48
CA GLN A 117 -15.41 24.18 4.13
C GLN A 117 -13.92 23.87 4.15
N HIS A 118 -13.24 24.05 5.31
CA HIS A 118 -11.79 23.82 5.50
C HIS A 118 -11.53 23.35 6.95
N LEU A 119 -11.92 22.12 7.29
CA LEU A 119 -11.73 21.57 8.60
C LEU A 119 -10.47 20.73 8.61
N ASN A 120 -9.73 20.74 9.69
CA ASN A 120 -8.66 19.78 9.89
C ASN A 120 -8.97 19.05 11.17
N VAL A 121 -8.41 17.85 11.26
CA VAL A 121 -8.79 16.94 12.33
C VAL A 121 -8.47 17.55 13.67
N GLU A 122 -7.38 18.31 13.75
CA GLU A 122 -6.85 18.78 15.04
C GLU A 122 -7.81 19.75 15.72
N ASP A 123 -8.20 20.82 15.01
CA ASP A 123 -9.16 21.79 15.51
C ASP A 123 -10.50 21.14 15.82
N THR A 124 -10.95 20.22 14.94
CA THR A 124 -12.22 19.55 15.13
C THR A 124 -12.19 18.67 16.35
N HIS A 125 -11.13 17.85 16.48
CA HIS A 125 -10.98 17.03 17.69
C HIS A 125 -10.91 17.90 18.94
N HIS A 126 -10.16 19.00 18.88
CA HIS A 126 -10.12 19.89 20.04
C HIS A 126 -11.49 20.48 20.34
N ALA A 127 -12.22 20.90 19.30
CA ALA A 127 -13.53 21.51 19.55
C ALA A 127 -14.45 20.55 20.26
N VAL A 128 -14.46 19.27 19.87
CA VAL A 128 -15.42 18.40 20.56
C VAL A 128 -14.94 18.08 21.98
N GLY A 129 -13.63 17.95 22.20
CA GLY A 129 -13.19 17.61 23.56
C GLY A 129 -13.22 18.78 24.55
N LYS A 130 -13.43 20.00 24.07
CA LYS A 130 -13.27 21.16 24.97
C LYS A 130 -14.17 21.06 26.19
N ASP A 131 -15.42 20.68 26.02
CA ASP A 131 -16.33 20.59 27.16
C ASP A 131 -16.62 19.14 27.56
N ILE A 132 -15.65 18.25 27.39
CA ILE A 132 -15.74 16.88 27.89
C ILE A 132 -14.45 16.65 28.69
N GLU A 133 -14.50 16.93 29.99
CA GLU A 133 -13.30 16.93 30.82
C GLU A 133 -13.45 16.09 32.09
N ASP A 134 -14.65 16.11 32.66
CA ASP A 134 -14.96 15.42 33.90
C ASP A 134 -15.37 13.95 33.71
N GLU A 135 -15.47 13.46 32.48
CA GLU A 135 -15.86 12.07 32.33
C GLU A 135 -15.25 11.48 31.05
N PHE A 136 -15.90 10.46 30.52
CA PHE A 136 -15.34 9.68 29.42
C PHE A 136 -15.62 10.36 28.09
N ASN A 137 -14.55 10.57 27.35
CA ASN A 137 -14.60 11.18 26.02
C ASN A 137 -14.25 10.09 25.04
N PRO A 138 -15.23 9.48 24.38
CA PRO A 138 -14.93 8.48 23.37
C PRO A 138 -14.52 9.06 22.03
N TYR A 139 -14.56 10.38 21.85
CA TYR A 139 -14.30 10.96 20.53
C TYR A 139 -12.82 11.29 20.37
N THR A 140 -12.02 10.24 20.22
CA THR A 140 -10.58 10.32 20.00
C THR A 140 -10.28 10.89 18.62
N ARG A 141 -8.99 11.13 18.34
CA ARG A 141 -8.59 11.63 17.02
C ARG A 141 -9.03 10.68 15.90
N GLU A 142 -8.93 9.38 16.12
CA GLU A 142 -9.27 8.43 15.06
C GLU A 142 -10.78 8.38 14.79
N ILE A 143 -11.60 8.49 15.83
CA ILE A 143 -13.05 8.56 15.65
C ILE A 143 -13.40 9.80 14.86
N ILE A 144 -12.80 10.94 15.22
CA ILE A 144 -13.05 12.17 14.46
C ILE A 144 -12.68 11.94 13.01
N GLU A 145 -11.53 11.31 12.78
CA GLU A 145 -11.10 11.11 11.40
C GLU A 145 -12.08 10.21 10.66
N THR A 146 -12.63 9.20 11.34
CA THR A 146 -13.64 8.34 10.71
C THR A 146 -14.89 9.11 10.29
N VAL A 147 -15.36 10.04 11.14
CA VAL A 147 -16.54 10.84 10.81
C VAL A 147 -16.28 11.70 9.57
N LEU A 148 -15.11 12.36 9.54
CA LEU A 148 -14.76 13.21 8.40
C LEU A 148 -14.62 12.39 7.12
N ASN A 149 -14.07 11.18 7.20
CA ASN A 149 -13.93 10.34 6.00
C ASN A 149 -15.28 9.81 5.52
N LYS A 150 -16.30 9.81 6.36
CA LYS A 150 -17.65 9.39 6.00
C LYS A 150 -18.48 10.55 5.48
N PHE A 151 -18.42 11.71 6.12
CA PHE A 151 -19.33 12.79 5.79
C PHE A 151 -18.64 13.98 5.15
N ALA A 152 -17.37 13.85 4.78
CA ALA A 152 -16.65 15.00 4.22
C ALA A 152 -15.65 14.50 3.19
N VAL A 153 -15.13 15.41 2.39
CA VAL A 153 -14.16 15.02 1.35
C VAL A 153 -12.86 15.79 1.59
N GLN A 154 -11.73 15.12 1.44
CA GLN A 154 -10.48 15.83 1.69
C GLN A 154 -10.00 16.62 0.48
N GLU A 155 -9.46 17.84 0.68
CA GLU A 155 -9.02 18.63 -0.48
C GLU A 155 -7.63 18.25 -0.92
N GLN A 156 -7.55 17.93 -2.19
CA GLN A 156 -6.33 17.64 -2.84
C GLN A 156 -5.41 18.84 -2.94
N GLU A 159 -4.72 22.22 -0.72
CA GLU A 159 -4.11 23.10 0.29
C GLU A 159 -3.43 22.30 1.39
N ASN A 160 -4.22 21.78 2.32
CA ASN A 160 -3.67 21.02 3.44
C ASN A 160 -4.40 19.68 3.53
N ASN A 161 -3.91 18.82 4.42
CA ASN A 161 -4.71 17.88 5.21
C ASN A 161 -6.00 18.47 5.82
N THR A 162 -6.91 18.90 4.93
CA THR A 162 -8.11 19.64 5.26
C THR A 162 -9.36 19.04 4.59
N TRP A 163 -10.53 19.15 5.27
CA TRP A 163 -11.78 18.52 4.83
C TRP A 163 -12.89 19.55 4.60
N ARG A 164 -13.75 19.27 3.62
CA ARG A 164 -14.91 20.09 3.31
C ARG A 164 -16.15 19.24 3.58
N LEU A 165 -17.02 19.71 4.50
CA LEU A 165 -18.22 18.94 4.80
C LEU A 165 -19.08 18.77 3.55
N ARG A 166 -19.64 17.57 3.40
CA ARG A 166 -20.65 17.32 2.39
C ARG A 166 -22.00 17.65 3.02
N ILE A 167 -22.34 18.95 3.00
CA ILE A 167 -23.50 19.41 3.77
C ILE A 167 -24.80 18.76 3.31
N PRO A 168 -25.15 18.75 2.01
CA PRO A 168 -26.40 18.09 1.63
C PRO A 168 -26.45 16.63 2.03
N PHE A 169 -25.31 15.92 1.96
CA PHE A 169 -25.27 14.52 2.38
C PHE A 169 -25.51 14.39 3.89
N ILE A 170 -24.90 15.26 4.70
CA ILE A 170 -25.16 15.27 6.15
C ILE A 170 -26.65 15.55 6.40
N ALA A 171 -27.21 16.54 5.69
CA ALA A 171 -28.62 16.87 5.84
C ALA A 171 -29.51 15.66 5.54
N GLN A 172 -29.23 14.98 4.43
CA GLN A 172 -29.99 13.78 4.08
C GLN A 172 -29.86 12.72 5.16
N TRP A 173 -28.64 12.50 5.65
CA TRP A 173 -28.41 11.46 6.64
C TRP A 173 -29.18 11.76 7.93
N TYR A 174 -29.18 13.03 8.36
CA TYR A 174 -30.06 13.46 9.47
C TYR A 174 -31.53 13.17 9.15
N GLY A 175 -31.96 13.51 7.93
CA GLY A 175 -33.36 13.30 7.58
C GLY A 175 -33.76 11.85 7.63
N ILE A 176 -32.86 10.95 7.20
CA ILE A 176 -33.16 9.53 7.30
C ILE A 176 -33.31 9.10 8.75
N GLN A 177 -32.45 9.59 9.64
CA GLN A 177 -32.64 9.24 11.05
C GLN A 177 -33.98 9.76 11.56
N ALA A 178 -34.33 10.99 11.20
CA ALA A 178 -35.60 11.56 11.65
C ALA A 178 -36.78 10.73 11.14
N LEU A 179 -36.76 10.32 9.86
CA LEU A 179 -37.81 9.47 9.33
C LEU A 179 -37.96 8.20 10.17
N ARG A 180 -36.84 7.52 10.47
CA ARG A 180 -36.95 6.25 11.18
C ARG A 180 -37.49 6.46 12.57
N LYS A 181 -37.11 7.56 13.21
CA LYS A 181 -37.50 7.73 14.60
C LYS A 181 -38.93 8.19 14.72
N TYR A 182 -39.36 9.11 13.85
CA TYR A 182 -40.64 9.79 14.03
C TYR A 182 -41.76 9.24 13.17
N VAL A 183 -41.47 8.52 12.09
CA VAL A 183 -42.51 8.27 11.09
C VAL A 183 -42.35 6.85 10.52
N SER A 184 -41.94 5.95 11.40
CA SER A 184 -41.84 4.51 11.16
C SER A 184 -43.18 3.87 11.52
N GLY A 185 -43.97 3.53 10.51
CA GLY A 185 -45.26 2.91 10.73
C GLY A 185 -46.42 3.87 10.96
N ILE A 186 -46.18 5.17 11.05
CA ILE A 186 -47.23 6.19 11.08
C ILE A 186 -46.77 7.33 10.16
N SER A 187 -47.68 8.23 9.83
CA SER A 187 -47.36 9.37 8.98
C SER A 187 -47.39 10.66 9.79
N MET A 188 -46.96 11.75 9.16
CA MET A 188 -46.86 13.01 9.88
C MET A 188 -47.01 14.09 8.83
N PRO A 189 -47.64 15.23 9.17
CA PRO A 189 -47.69 16.35 8.22
C PRO A 189 -46.29 16.83 7.86
N ILE A 190 -46.15 17.29 6.62
CA ILE A 190 -44.84 17.61 6.08
C ILE A 190 -44.22 18.77 6.85
N ASP A 191 -45.02 19.77 7.25
CA ASP A 191 -44.44 20.93 7.93
C ASP A 191 -43.96 20.57 9.31
N GLU A 192 -44.70 19.71 10.01
CA GLU A 192 -44.25 19.22 11.30
C GLU A 192 -42.98 18.37 11.18
N PHE A 193 -42.90 17.51 10.16
CA PHE A 193 -41.71 16.70 9.99
C PHE A 193 -40.50 17.55 9.72
N LEU A 194 -40.64 18.56 8.85
CA LEU A 194 -39.52 19.44 8.54
C LEU A 194 -38.99 20.14 9.79
N ILE A 195 -39.87 20.45 10.74
CA ILE A 195 -39.41 21.09 11.98
C ILE A 195 -38.62 20.12 12.83
N LYS A 196 -39.14 18.91 13.02
CA LYS A 196 -38.42 17.91 13.81
C LYS A 196 -37.09 17.57 13.15
N TRP A 197 -37.07 17.50 11.82
CA TRP A 197 -35.82 17.27 11.09
C TRP A 197 -34.87 18.43 11.33
N LYS A 198 -35.37 19.66 11.19
CA LYS A 198 -34.48 20.77 11.34
C LYS A 198 -33.94 20.91 12.77
N SER A 199 -34.72 20.56 13.76
CA SER A 199 -34.23 20.71 15.12
C SER A 199 -33.05 19.77 15.49
N LEU A 200 -32.68 18.82 14.60
CA LEU A 200 -31.49 18.01 14.89
C LEU A 200 -30.19 18.77 14.64
N PHE A 201 -30.19 19.78 13.83
CA PHE A 201 -28.98 20.50 13.45
C PHE A 201 -28.53 21.50 14.52
N PRO A 202 -27.25 21.84 14.58
CA PRO A 202 -26.82 22.97 15.40
C PRO A 202 -27.51 24.26 14.91
N PRO A 203 -27.77 25.18 15.83
CA PRO A 203 -28.27 26.49 15.40
C PRO A 203 -27.32 27.10 14.38
N PHE A 204 -27.90 27.74 13.38
CA PHE A 204 -27.24 28.46 12.30
C PHE A 204 -26.51 27.53 11.33
N PHE A 205 -26.74 26.23 11.40
CA PHE A 205 -26.10 25.32 10.46
C PHE A 205 -26.49 25.68 9.04
N PRO A 206 -25.54 25.93 8.13
CA PRO A 206 -25.83 26.51 6.79
C PRO A 206 -26.32 25.48 5.77
N CYS A 207 -27.59 25.08 5.92
CA CYS A 207 -28.19 24.14 4.98
C CYS A 207 -29.67 24.44 4.86
N ASP A 208 -30.20 24.46 3.65
CA ASP A 208 -31.65 24.44 3.52
C ASP A 208 -32.05 23.02 3.19
N ILE A 209 -33.02 22.51 3.92
CA ILE A 209 -33.44 21.14 3.79
C ILE A 209 -34.68 21.11 2.91
N ASP A 210 -34.92 19.94 2.32
CA ASP A 210 -35.96 19.77 1.33
C ASP A 210 -36.31 18.31 1.29
N ILE A 211 -37.60 18.00 1.30
CA ILE A 211 -38.04 16.60 1.37
C ILE A 211 -37.50 15.79 0.19
N ASP A 212 -37.20 16.47 -0.94
CA ASP A 212 -36.61 15.78 -2.09
C ASP A 212 -35.25 15.16 -1.76
N MET A 213 -34.56 15.66 -0.72
CA MET A 213 -33.31 15.03 -0.31
C MET A 213 -33.53 13.58 0.13
N LEU A 214 -34.75 13.23 0.55
CA LEU A 214 -35.02 11.95 1.17
C LEU A 214 -35.73 10.99 0.20
N ARG A 215 -35.69 11.28 -1.11
CA ARG A 215 -36.18 10.32 -2.10
C ARG A 215 -35.45 9.00 -1.93
N GLY A 216 -36.22 7.90 -1.93
CA GLY A 216 -35.70 6.57 -1.64
C GLY A 216 -35.86 6.15 -0.20
N TYR A 217 -36.31 7.06 0.69
CA TYR A 217 -36.46 6.73 2.09
C TYR A 217 -37.84 7.07 2.63
N HIS A 218 -38.74 7.61 1.80
CA HIS A 218 -40.06 7.95 2.29
C HIS A 218 -41.09 7.79 1.18
N PHE A 219 -42.35 7.81 1.59
CA PHE A 219 -43.46 8.02 0.70
C PHE A 219 -44.39 9.05 1.32
N LYS A 220 -45.31 9.52 0.49
CA LYS A 220 -46.27 10.57 0.87
C LYS A 220 -47.66 9.96 0.88
N PRO A 221 -48.12 9.42 2.02
CA PRO A 221 -49.46 8.79 2.03
C PRO A 221 -50.57 9.71 1.54
N THR A 222 -50.46 10.99 1.87
CA THR A 222 -51.20 12.07 1.24
C THR A 222 -50.17 13.08 0.72
N ASP A 223 -50.61 14.04 -0.08
CA ASP A 223 -49.61 14.96 -0.64
C ASP A 223 -49.01 15.90 0.41
N LYS A 224 -49.55 15.93 1.62
CA LYS A 224 -49.02 16.79 2.69
C LYS A 224 -48.58 15.98 3.91
N THR A 225 -48.42 14.68 3.78
CA THR A 225 -47.86 13.88 4.87
C THR A 225 -46.70 13.05 4.33
N VAL A 226 -45.92 12.48 5.26
CA VAL A 226 -44.77 11.67 4.89
C VAL A 226 -44.71 10.48 5.82
N GLN A 227 -44.10 9.41 5.34
CA GLN A 227 -43.91 8.23 6.16
C GLN A 227 -42.63 7.55 5.68
N TYR A 228 -41.95 6.87 6.62
CA TYR A 228 -40.75 6.15 6.27
C TYR A 228 -41.09 4.86 5.52
N ILE A 229 -40.21 4.50 4.59
CA ILE A 229 -40.23 3.16 3.99
C ILE A 229 -38.79 2.65 3.83
N ALA A 230 -38.55 1.39 4.19
CA ALA A 230 -37.25 0.74 4.01
C ALA A 230 -37.30 -0.05 2.71
N LYS A 231 -36.56 0.40 1.69
CA LYS A 231 -36.59 -0.25 0.39
C LYS A 231 -36.12 -1.70 0.43
N SER A 232 -35.29 -2.06 1.43
CA SER A 232 -34.78 -3.42 1.52
C SER A 232 -35.88 -4.44 1.73
N THR A 233 -37.04 -4.05 2.25
CA THR A 233 -38.13 -4.98 2.56
C THR A 233 -39.20 -5.07 1.46
N LEU A 234 -39.01 -4.45 0.33
CA LEU A 234 -40.00 -4.51 -0.75
C LEU A 234 -39.90 -5.85 -1.51
N PRO A 235 -40.98 -6.22 -2.18
CA PRO A 235 -40.97 -7.48 -2.93
C PRO A 235 -39.89 -7.48 -4.00
N MET A 236 -39.31 -8.66 -4.23
CA MET A 236 -38.33 -8.85 -5.28
C MET A 236 -38.97 -9.13 -6.64
N ASP A 237 -40.26 -9.43 -6.69
CA ASP A 237 -40.96 -9.47 -7.99
C ASP A 237 -41.40 -8.06 -8.39
N PRO A 238 -41.08 -7.60 -9.62
CA PRO A 238 -41.41 -6.21 -9.99
C PRO A 238 -42.90 -5.92 -10.07
N LYS A 239 -43.71 -6.88 -10.57
CA LYS A 239 -45.15 -6.63 -10.62
C LYS A 239 -45.69 -6.42 -9.21
N GLU A 240 -45.25 -7.26 -8.28
CA GLU A 240 -45.70 -7.17 -6.89
C GLU A 240 -45.16 -5.89 -6.23
N ARG A 241 -43.92 -5.47 -6.56
CA ARG A 241 -43.35 -4.26 -5.95
C ARG A 241 -44.11 -3.02 -6.40
N PHE A 242 -44.36 -2.90 -7.71
CA PHE A 242 -45.15 -1.75 -8.17
C PHE A 242 -46.54 -1.75 -7.55
N LYS A 243 -47.17 -2.93 -7.47
CA LYS A 243 -48.48 -3.03 -6.84
C LYS A 243 -48.44 -2.51 -5.40
N VAL A 244 -47.42 -2.90 -4.64
CA VAL A 244 -47.36 -2.47 -3.24
C VAL A 244 -47.17 -0.96 -3.16
N LEU A 245 -46.31 -0.42 -4.05
CA LEU A 245 -46.02 1.01 -4.01
C LEU A 245 -47.25 1.85 -4.37
N PHE A 246 -48.10 1.36 -5.28
CA PHE A 246 -49.29 2.14 -5.62
C PHE A 246 -50.34 2.10 -4.49
N ARG A 247 -50.29 1.13 -3.58
CA ARG A 247 -51.17 1.17 -2.41
C ARG A 247 -50.72 2.24 -1.42
N LEU A 248 -49.42 2.47 -1.34
CA LEU A 248 -48.88 3.48 -0.44
C LEU A 248 -49.13 4.88 -1.00
N GLN A 249 -49.09 5.02 -2.31
CA GLN A 249 -49.19 6.33 -2.92
C GLN A 249 -49.72 6.11 -4.34
N SER A 250 -50.92 6.63 -4.63
CA SER A 250 -51.56 6.27 -5.87
C SER A 250 -50.92 6.97 -7.07
N GLN A 251 -50.25 8.10 -6.85
CA GLN A 251 -49.56 8.81 -7.93
C GLN A 251 -48.15 9.17 -7.45
N TRP A 252 -47.13 8.80 -8.23
CA TRP A 252 -45.76 9.09 -7.88
C TRP A 252 -45.13 10.01 -8.93
N ASP A 253 -44.40 11.04 -8.49
CA ASP A 253 -43.35 11.61 -9.32
C ASP A 253 -42.33 10.54 -9.64
N LEU A 254 -41.91 10.46 -10.90
CA LEU A 254 -40.94 9.45 -11.29
C LEU A 254 -39.67 9.50 -10.42
N GLU A 255 -39.21 10.71 -10.03
CA GLU A 255 -38.00 10.82 -9.21
C GLU A 255 -38.19 10.25 -7.81
N ASP A 256 -39.42 10.26 -7.30
CA ASP A 256 -39.73 9.69 -5.99
C ASP A 256 -39.78 8.16 -6.02
N ILE A 257 -40.31 7.56 -7.09
CA ILE A 257 -40.45 6.10 -7.12
C ILE A 257 -39.18 5.43 -7.65
N LYS A 258 -38.36 6.16 -8.43
CA LYS A 258 -37.20 5.55 -9.08
C LYS A 258 -36.25 4.84 -8.11
N PRO A 259 -35.77 5.46 -7.02
CA PRO A 259 -34.83 4.72 -6.14
C PRO A 259 -35.47 3.53 -5.45
N LEU A 260 -36.80 3.48 -5.39
CA LEU A 260 -37.51 2.34 -4.79
C LEU A 260 -37.69 1.17 -5.77
N ILE A 261 -37.50 1.38 -7.07
CA ILE A 261 -37.68 0.29 -8.03
C ILE A 261 -36.41 -0.05 -8.80
N GLU A 262 -35.38 0.81 -8.78
CA GLU A 262 -34.25 0.62 -9.71
C GLU A 262 -33.50 -0.68 -9.44
N GLU A 263 -33.53 -1.20 -8.20
CA GLU A 263 -32.84 -2.46 -7.91
C GLU A 263 -33.34 -3.58 -8.81
N LEU A 264 -34.58 -3.52 -9.27
CA LEU A 264 -35.09 -4.62 -10.09
C LEU A 264 -34.85 -4.41 -11.59
N ASN A 265 -34.20 -3.31 -12.00
CA ASN A 265 -33.99 -3.02 -13.42
C ASN A 265 -32.67 -3.64 -13.91
N SER A 266 -32.68 -4.98 -13.98
CA SER A 266 -31.48 -5.77 -14.32
C SER A 266 -31.10 -5.70 -15.79
N ARG A 267 -32.02 -5.30 -16.65
CA ARG A 267 -31.66 -5.06 -18.03
C ARG A 267 -30.98 -3.71 -18.25
N GLY A 268 -30.92 -2.86 -17.22
CA GLY A 268 -30.21 -1.61 -17.40
C GLY A 268 -30.86 -0.67 -18.39
N MET A 269 -32.15 -0.81 -18.64
CA MET A 269 -32.76 0.13 -19.56
C MET A 269 -32.98 1.48 -18.89
N LYS A 270 -33.25 2.49 -19.72
CA LYS A 270 -33.70 3.79 -19.22
C LYS A 270 -34.88 3.58 -18.26
N ILE A 271 -34.87 4.31 -17.13
CA ILE A 271 -35.85 4.00 -16.07
C ILE A 271 -37.29 4.23 -16.55
N ASP A 272 -37.50 5.20 -17.44
CA ASP A 272 -38.84 5.43 -18.02
C ASP A 272 -39.36 4.22 -18.80
N SER A 273 -38.50 3.56 -19.56
CA SER A 273 -38.89 2.39 -20.32
C SER A 273 -39.14 1.21 -19.41
N PHE A 274 -38.34 1.11 -18.33
CA PHE A 274 -38.56 0.08 -17.31
C PHE A 274 -39.92 0.26 -16.66
N ILE A 275 -40.22 1.49 -16.23
CA ILE A 275 -41.50 1.76 -15.57
C ILE A 275 -42.66 1.45 -16.49
N MET A 276 -42.53 1.81 -17.77
CA MET A 276 -43.59 1.62 -18.76
C MET A 276 -43.96 0.14 -18.93
N LYS A 277 -43.07 -0.77 -18.55
CA LYS A 277 -43.37 -2.19 -18.58
C LYS A 277 -44.33 -2.59 -17.49
N TYR A 278 -44.32 -1.89 -16.34
CA TYR A 278 -45.14 -2.31 -15.22
C TYR A 278 -46.20 -1.31 -14.82
N ALA A 279 -46.17 -0.10 -15.38
CA ALA A 279 -47.06 0.96 -14.89
C ALA A 279 -47.33 1.95 -15.99
N ARG A 280 -48.22 2.90 -15.66
CA ARG A 280 -48.55 4.00 -16.54
C ARG A 280 -47.73 5.24 -16.18
N ARG A 281 -47.24 5.93 -17.20
CA ARG A 281 -46.52 7.19 -17.06
C ARG A 281 -47.25 8.27 -17.84
N LYS A 282 -47.16 9.48 -17.34
CA LYS A 282 -47.72 10.63 -18.03
C LYS A 282 -46.72 11.75 -17.80
N ARG A 283 -46.05 12.19 -18.85
CA ARG A 283 -45.08 13.25 -18.64
C ARG A 283 -45.82 14.58 -18.67
N LEU A 284 -45.76 15.27 -17.54
CA LEU A 284 -46.28 16.60 -17.42
C LEU A 284 -45.07 17.49 -17.62
N GLY A 285 -45.30 18.76 -17.94
CA GLY A 285 -44.23 19.68 -18.30
C GLY A 285 -42.88 19.02 -18.38
N LYS A 286 -42.14 19.03 -17.28
CA LYS A 286 -40.96 18.19 -17.18
C LYS A 286 -41.10 17.03 -16.19
N LYS A 287 -42.18 16.98 -15.40
CA LYS A 287 -42.34 15.99 -14.34
C LYS A 287 -43.19 14.84 -14.88
N THR A 288 -42.74 13.60 -14.64
CA THR A 288 -43.48 12.43 -15.07
C THR A 288 -44.22 11.81 -13.88
N VAL A 289 -45.50 11.55 -14.06
CA VAL A 289 -46.33 11.05 -12.97
C VAL A 289 -46.58 9.59 -13.30
N VAL A 290 -46.43 8.72 -12.32
CA VAL A 290 -46.60 7.31 -12.62
C VAL A 290 -47.70 6.73 -11.72
N THR A 291 -48.56 5.92 -12.34
CA THR A 291 -49.74 5.33 -11.68
C THR A 291 -49.90 3.89 -12.14
N SER A 292 -50.75 3.16 -11.41
CA SER A 292 -51.02 1.78 -11.77
C SER A 292 -51.75 1.70 -13.10
N ARG A 293 -51.62 0.55 -13.75
CA ARG A 293 -52.37 0.32 -14.99
C ARG A 293 -53.72 -0.30 -14.63
N HIS B 27 -34.15 1.24 10.24
CA HIS B 27 -33.80 0.83 11.60
C HIS B 27 -32.29 0.48 11.81
N GLY B 28 -31.70 -0.35 10.95
CA GLY B 28 -30.30 -0.66 11.10
C GLY B 28 -29.79 -1.68 10.10
N GLU B 29 -28.56 -2.13 10.35
CA GLU B 29 -27.74 -3.05 9.56
C GLU B 29 -27.51 -4.34 10.36
N LEU B 30 -26.94 -5.35 9.72
CA LEU B 30 -26.45 -6.54 10.40
C LEU B 30 -25.06 -6.34 10.97
N ASN B 31 -24.80 -6.99 12.10
CA ASN B 31 -23.48 -7.04 12.72
C ASN B 31 -22.79 -8.36 12.32
N LEU B 32 -21.86 -8.29 11.38
CA LEU B 32 -21.20 -9.47 10.86
C LEU B 32 -19.96 -9.86 11.65
N ASN B 33 -19.88 -9.45 12.92
CA ASN B 33 -18.63 -9.56 13.67
C ASN B 33 -18.04 -10.97 13.60
N SER B 34 -18.77 -12.01 14.01
CA SER B 34 -18.12 -13.31 14.07
C SER B 34 -18.40 -14.19 12.87
N VAL B 35 -18.84 -13.61 11.76
CA VAL B 35 -19.33 -14.37 10.61
C VAL B 35 -18.19 -14.47 9.58
N PRO B 36 -17.52 -15.61 9.47
CA PRO B 36 -16.42 -15.75 8.52
C PRO B 36 -16.92 -15.91 7.09
N ILE B 37 -16.00 -15.73 6.16
CA ILE B 37 -16.27 -15.89 4.74
C ILE B 37 -16.03 -17.34 4.39
N TYR B 38 -16.94 -17.94 3.63
CA TYR B 38 -16.76 -19.31 3.18
C TYR B 38 -16.46 -19.30 1.69
N ASN B 39 -15.30 -19.84 1.33
CA ASN B 39 -14.84 -19.91 -0.05
C ASN B 39 -14.68 -21.36 -0.52
N GLY B 40 -15.55 -22.27 -0.05
CA GLY B 40 -15.52 -23.63 -0.57
C GLY B 40 -14.54 -24.57 0.08
N GLU B 41 -14.05 -24.22 1.26
CA GLU B 41 -13.10 -25.03 2.01
C GLU B 41 -13.72 -26.34 2.48
N LEU B 42 -12.81 -27.27 2.76
CA LEU B 42 -13.03 -28.69 2.95
C LEU B 42 -13.54 -29.05 4.37
N ASP B 43 -12.81 -28.65 5.41
CA ASP B 43 -13.16 -28.92 6.81
C ASP B 43 -13.35 -27.59 7.51
N PHE B 44 -14.44 -26.90 7.18
CA PHE B 44 -14.55 -25.48 7.48
C PHE B 44 -14.56 -25.24 8.99
N SER B 45 -15.36 -26.02 9.73
CA SER B 45 -15.51 -25.79 11.15
C SER B 45 -14.24 -26.08 11.93
N ASP B 46 -13.37 -26.94 11.39
CA ASP B 46 -12.08 -27.19 12.01
C ASP B 46 -11.08 -26.09 11.69
N LYS B 47 -11.15 -25.50 10.51
CA LYS B 47 -10.26 -24.37 10.20
C LYS B 47 -10.69 -23.08 10.88
N ILE B 48 -11.91 -23.00 11.39
CA ILE B 48 -12.46 -21.76 11.89
C ILE B 48 -12.28 -21.66 13.42
N ILE B 57 -20.97 -18.36 16.03
CA ILE B 57 -22.38 -18.12 15.72
C ILE B 57 -22.91 -19.24 14.86
N GLY B 58 -24.02 -19.85 15.27
CA GLY B 58 -24.54 -21.00 14.55
C GLY B 58 -25.85 -20.77 13.82
N THR B 59 -26.52 -19.66 14.14
CA THR B 59 -27.89 -19.39 13.74
C THR B 59 -28.23 -17.94 13.41
N LEU B 60 -29.13 -17.83 12.43
CA LEU B 60 -29.61 -16.51 12.06
C LEU B 60 -30.35 -15.87 13.24
N GLU B 61 -31.01 -16.63 14.17
CA GLU B 61 -31.60 -15.90 15.32
C GLU B 61 -30.54 -15.19 16.09
N GLU B 62 -29.44 -15.87 16.30
CA GLU B 62 -28.41 -15.28 17.13
C GLU B 62 -27.94 -14.00 16.49
N LEU B 63 -27.73 -14.05 15.18
CA LEU B 63 -27.19 -12.87 14.51
C LEU B 63 -28.20 -11.72 14.57
N LEU B 64 -29.49 -12.03 14.41
CA LEU B 64 -30.49 -10.97 14.46
C LEU B 64 -30.59 -10.38 15.86
N GLU B 65 -30.51 -11.24 16.88
CA GLU B 65 -30.57 -10.83 18.28
C GLU B 65 -29.48 -9.82 18.65
N ASN B 66 -28.33 -9.88 18.00
CA ASN B 66 -27.17 -9.01 18.28
C ASN B 66 -26.97 -7.90 17.25
N SER B 67 -28.02 -7.52 16.53
CA SER B 67 -27.86 -6.54 15.45
C SER B 67 -28.82 -5.36 15.57
N PRO B 68 -28.41 -4.14 15.10
CA PRO B 68 -29.26 -2.95 15.26
C PRO B 68 -30.39 -2.85 14.25
N CYS B 69 -30.95 -3.99 13.81
CA CYS B 69 -31.98 -3.95 12.78
C CYS B 69 -33.18 -4.77 13.20
N SER B 70 -34.31 -4.53 12.52
CA SER B 70 -35.49 -5.38 12.70
C SER B 70 -35.24 -6.72 12.02
N ALA B 71 -36.08 -7.70 12.38
CA ALA B 71 -35.92 -9.06 11.84
C ALA B 71 -36.10 -9.08 10.33
N LEU B 72 -37.13 -8.38 9.84
CA LEU B 72 -37.41 -8.36 8.41
C LEU B 72 -36.29 -7.67 7.64
N GLU B 73 -35.78 -6.56 8.17
CA GLU B 73 -34.65 -5.90 7.53
C GLU B 73 -33.43 -6.81 7.54
N GLY B 74 -33.16 -7.44 8.68
CA GLY B 74 -31.97 -8.29 8.77
C GLY B 74 -32.04 -9.46 7.82
N ILE B 75 -33.21 -10.08 7.71
CA ILE B 75 -33.39 -11.23 6.85
C ILE B 75 -33.16 -10.84 5.39
N SER B 76 -33.74 -9.72 4.96
CA SER B 76 -33.55 -9.26 3.59
C SER B 76 -32.09 -8.99 3.28
N LYS B 77 -31.38 -8.35 4.20
CA LYS B 77 -29.96 -8.09 3.99
C LYS B 77 -29.17 -9.39 3.97
N TRP B 78 -29.55 -10.34 4.83
CA TRP B 78 -28.90 -11.64 4.82
C TRP B 78 -29.03 -12.30 3.46
N HIS B 79 -30.26 -12.28 2.91
CA HIS B 79 -30.49 -12.89 1.60
C HIS B 79 -29.70 -12.18 0.51
N LYS B 80 -29.56 -10.85 0.60
CA LYS B 80 -28.88 -10.10 -0.47
C LYS B 80 -27.36 -10.23 -0.41
N ILE B 81 -26.75 -10.44 0.78
CA ILE B 81 -25.30 -10.58 0.85
C ILE B 81 -24.85 -12.02 0.71
N GLY B 82 -25.77 -12.98 0.62
CA GLY B 82 -25.36 -14.37 0.48
C GLY B 82 -24.95 -15.01 1.79
N GLY B 83 -25.67 -14.73 2.87
CA GLY B 83 -25.43 -15.42 4.11
C GLY B 83 -25.86 -16.87 4.01
N SER B 84 -25.11 -17.74 4.66
CA SER B 84 -25.39 -19.17 4.61
C SER B 84 -24.96 -19.79 5.93
N VAL B 85 -24.97 -21.12 5.98
CA VAL B 85 -24.37 -21.83 7.10
C VAL B 85 -23.66 -23.06 6.55
N LYS B 86 -22.46 -23.34 7.08
CA LYS B 86 -21.62 -24.43 6.62
C LYS B 86 -21.02 -25.12 7.84
N ASP B 87 -21.27 -26.41 7.97
CA ASP B 87 -20.70 -27.22 9.06
C ASP B 87 -21.03 -26.59 10.40
N GLY B 88 -22.25 -26.06 10.52
CA GLY B 88 -22.69 -25.40 11.73
C GLY B 88 -22.22 -23.97 11.94
N VAL B 89 -21.40 -23.41 11.05
CA VAL B 89 -20.89 -22.05 11.22
C VAL B 89 -21.66 -21.09 10.31
N LEU B 90 -22.27 -20.07 10.91
CA LEU B 90 -22.88 -19.02 10.09
C LEU B 90 -21.78 -18.30 9.32
N CYS B 91 -22.02 -18.05 8.04
CA CYS B 91 -20.95 -17.56 7.17
C CYS B 91 -21.54 -16.73 6.04
N ILE B 92 -20.64 -16.16 5.26
CA ILE B 92 -21.00 -15.41 4.07
C ILE B 92 -20.23 -16.00 2.91
N LEU B 93 -20.95 -16.36 1.85
CA LEU B 93 -20.33 -16.99 0.70
C LEU B 93 -19.47 -15.96 -0.01
N SER B 94 -18.25 -16.33 -0.31
CA SER B 94 -17.41 -15.46 -1.09
C SER B 94 -18.05 -15.26 -2.47
N GLN B 95 -17.73 -14.15 -3.12
CA GLN B 95 -18.38 -13.87 -4.40
C GLN B 95 -18.00 -14.91 -5.46
N ASP B 96 -16.75 -15.42 -5.40
CA ASP B 96 -16.32 -16.47 -6.31
C ASP B 96 -17.05 -17.78 -6.04
N PHE B 97 -17.18 -18.16 -4.76
CA PHE B 97 -17.88 -19.42 -4.44
C PHE B 97 -19.39 -19.27 -4.66
N LEU B 98 -19.95 -18.08 -4.36
CA LEU B 98 -21.37 -17.84 -4.69
C LEU B 98 -21.63 -17.98 -6.19
N PHE B 99 -20.72 -17.48 -7.03
CA PHE B 99 -20.87 -17.64 -8.47
C PHE B 99 -20.86 -19.10 -8.88
N LYS B 100 -19.89 -19.87 -8.35
CA LYS B 100 -19.80 -21.28 -8.70
C LYS B 100 -21.06 -22.04 -8.23
N ALA B 101 -21.56 -21.73 -7.03
CA ALA B 101 -22.77 -22.39 -6.55
C ALA B 101 -23.97 -22.07 -7.44
N LEU B 102 -24.12 -20.79 -7.85
CA LEU B 102 -25.18 -20.44 -8.80
C LEU B 102 -25.04 -21.23 -10.09
N HIS B 103 -23.80 -21.31 -10.62
CA HIS B 103 -23.57 -22.00 -11.89
C HIS B 103 -23.92 -23.47 -11.76
N VAL B 104 -23.46 -24.11 -10.68
CA VAL B 104 -23.73 -25.53 -10.52
C VAL B 104 -25.22 -25.78 -10.31
N LEU B 105 -25.90 -24.88 -9.60
CA LEU B 105 -27.35 -24.98 -9.45
C LEU B 105 -28.06 -24.86 -10.80
N LEU B 106 -27.74 -23.83 -11.58
CA LEU B 106 -28.43 -23.64 -12.85
C LEU B 106 -28.17 -24.78 -13.78
N MET B 107 -26.88 -25.16 -13.92
CA MET B 107 -26.53 -26.28 -14.81
C MET B 107 -27.29 -27.55 -14.44
N SER B 108 -27.27 -27.92 -13.16
CA SER B 108 -27.90 -29.18 -12.75
C SER B 108 -29.41 -29.12 -12.90
N ALA B 109 -30.01 -27.97 -12.60
CA ALA B 109 -31.46 -27.81 -12.73
C ALA B 109 -31.88 -27.96 -14.19
N MET B 110 -31.11 -27.36 -15.10
CA MET B 110 -31.36 -27.52 -16.52
C MET B 110 -31.06 -28.92 -17.00
N ALA B 111 -29.97 -29.55 -16.53
CA ALA B 111 -29.65 -30.91 -17.00
C ALA B 111 -30.74 -31.91 -16.61
N GLU B 112 -31.33 -31.74 -15.44
CA GLU B 112 -32.42 -32.60 -14.99
C GLU B 112 -33.80 -32.06 -15.34
N SER B 113 -33.88 -31.04 -16.18
CA SER B 113 -35.15 -30.41 -16.59
C SER B 113 -36.08 -30.11 -15.40
N LEU B 114 -35.50 -29.47 -14.38
CA LEU B 114 -36.30 -28.87 -13.32
C LEU B 114 -36.97 -27.61 -13.86
N ASP B 115 -38.05 -27.19 -13.21
CA ASP B 115 -38.81 -26.00 -13.57
C ASP B 115 -38.12 -24.78 -13.00
N LEU B 116 -37.44 -24.00 -13.85
CA LEU B 116 -36.74 -22.79 -13.35
C LEU B 116 -37.67 -21.73 -12.77
N GLN B 117 -38.95 -21.71 -13.12
CA GLN B 117 -39.75 -20.73 -12.40
C GLN B 117 -40.44 -21.35 -11.17
N HIS B 118 -40.13 -22.63 -10.83
CA HIS B 118 -40.76 -23.24 -9.67
C HIS B 118 -39.81 -24.26 -9.02
N LEU B 119 -38.71 -23.79 -8.45
CA LEU B 119 -37.71 -24.66 -7.86
C LEU B 119 -37.93 -24.85 -6.36
N ASN B 120 -37.62 -26.05 -5.89
CA ASN B 120 -37.61 -26.35 -4.46
C ASN B 120 -36.23 -26.88 -4.04
N VAL B 121 -35.92 -26.78 -2.75
CA VAL B 121 -34.59 -27.13 -2.25
C VAL B 121 -34.30 -28.62 -2.45
N GLU B 122 -35.27 -29.51 -2.14
CA GLU B 122 -34.95 -30.95 -2.14
C GLU B 122 -34.60 -31.46 -3.53
N ASP B 123 -35.44 -31.18 -4.54
CA ASP B 123 -35.16 -31.61 -5.92
C ASP B 123 -33.91 -30.93 -6.47
N THR B 124 -33.72 -29.64 -6.19
CA THR B 124 -32.53 -28.96 -6.66
C THR B 124 -31.28 -29.54 -6.02
N HIS B 125 -31.33 -29.80 -4.71
CA HIS B 125 -30.19 -30.43 -4.02
C HIS B 125 -29.89 -31.81 -4.61
N HIS B 126 -30.93 -32.59 -4.90
CA HIS B 126 -30.74 -33.90 -5.53
C HIS B 126 -30.08 -33.77 -6.89
N ALA B 127 -30.55 -32.83 -7.70
CA ALA B 127 -30.02 -32.67 -9.06
C ALA B 127 -28.55 -32.27 -9.04
N VAL B 128 -28.15 -31.44 -8.07
CA VAL B 128 -26.76 -31.02 -8.01
C VAL B 128 -25.86 -32.19 -7.64
N GLY B 129 -26.30 -33.04 -6.70
CA GLY B 129 -25.43 -34.15 -6.31
C GLY B 129 -25.37 -35.29 -7.30
N LYS B 130 -26.34 -35.37 -8.21
CA LYS B 130 -26.41 -36.43 -9.21
C LYS B 130 -25.30 -36.29 -10.25
N ASP B 131 -24.75 -37.43 -10.69
CA ASP B 131 -23.69 -37.50 -11.72
C ASP B 131 -22.46 -36.63 -11.38
N ILE B 132 -22.04 -36.69 -10.10
CA ILE B 132 -20.85 -35.99 -9.59
C ILE B 132 -19.98 -36.94 -8.75
N GLU B 133 -19.88 -38.19 -9.15
CA GLU B 133 -19.29 -39.19 -8.25
C GLU B 133 -17.84 -38.89 -7.88
N ASP B 134 -17.09 -38.15 -8.68
CA ASP B 134 -15.70 -37.97 -8.28
C ASP B 134 -15.30 -36.52 -8.14
N GLU B 135 -16.10 -35.71 -7.45
CA GLU B 135 -15.78 -34.31 -7.22
C GLU B 135 -16.30 -33.98 -5.85
N PHE B 136 -15.76 -32.91 -5.29
CA PHE B 136 -16.19 -32.48 -3.97
C PHE B 136 -17.53 -31.75 -4.12
N ASN B 137 -18.51 -32.15 -3.30
CA ASN B 137 -19.84 -31.52 -3.35
C ASN B 137 -20.09 -30.72 -2.08
N PRO B 138 -19.72 -29.44 -2.04
CA PRO B 138 -20.06 -28.57 -0.92
C PRO B 138 -21.46 -27.95 -1.03
N TYR B 139 -22.23 -28.28 -2.06
CA TYR B 139 -23.51 -27.60 -2.36
C TYR B 139 -24.61 -28.29 -1.55
N THR B 140 -24.57 -27.97 -0.28
CA THR B 140 -25.44 -28.41 0.79
C THR B 140 -26.85 -27.81 0.59
N ARG B 141 -27.84 -28.29 1.34
CA ARG B 141 -29.20 -27.73 1.23
C ARG B 141 -29.22 -26.24 1.61
N GLU B 142 -28.44 -25.88 2.64
CA GLU B 142 -28.38 -24.48 3.09
C GLU B 142 -27.64 -23.58 2.08
N ILE B 143 -26.60 -24.12 1.43
CA ILE B 143 -25.95 -23.40 0.33
C ILE B 143 -26.93 -23.19 -0.82
N ILE B 144 -27.68 -24.23 -1.19
CA ILE B 144 -28.70 -24.12 -2.22
C ILE B 144 -29.72 -23.05 -1.84
N GLU B 145 -30.13 -23.04 -0.59
CA GLU B 145 -31.12 -22.08 -0.13
C GLU B 145 -30.58 -20.66 -0.25
N THR B 146 -29.29 -20.46 0.07
CA THR B 146 -28.65 -19.15 -0.07
C THR B 146 -28.63 -18.68 -1.54
N VAL B 147 -28.26 -19.58 -2.45
CA VAL B 147 -28.29 -19.21 -3.87
C VAL B 147 -29.71 -18.83 -4.29
N LEU B 148 -30.69 -19.63 -3.91
CA LEU B 148 -32.07 -19.31 -4.27
C LEU B 148 -32.54 -18.02 -3.62
N ASN B 149 -32.14 -17.77 -2.37
CA ASN B 149 -32.60 -16.54 -1.73
C ASN B 149 -31.97 -15.27 -2.30
N LYS B 150 -30.81 -15.40 -2.96
CA LYS B 150 -30.13 -14.28 -3.57
C LYS B 150 -30.59 -14.05 -5.02
N PHE B 151 -30.78 -15.12 -5.78
CA PHE B 151 -30.98 -14.99 -7.21
C PHE B 151 -32.37 -15.36 -7.66
N ALA B 152 -33.32 -15.54 -6.73
CA ALA B 152 -34.67 -15.89 -7.13
C ALA B 152 -35.67 -15.25 -6.16
N VAL B 153 -36.94 -15.36 -6.53
CA VAL B 153 -38.06 -14.83 -5.75
C VAL B 153 -38.77 -16.00 -5.10
N GLN B 154 -38.98 -15.95 -3.81
CA GLN B 154 -39.68 -17.04 -3.19
C GLN B 154 -41.20 -16.83 -3.23
N GLU B 155 -41.93 -17.90 -3.51
CA GLU B 155 -43.37 -17.81 -3.63
C GLU B 155 -43.93 -18.14 -2.25
N GLN B 156 -43.89 -17.12 -1.38
CA GLN B 156 -43.92 -17.33 0.06
C GLN B 156 -45.24 -17.94 0.53
N ASN B 160 -44.92 -25.05 2.40
CA ASN B 160 -44.05 -25.41 1.29
C ASN B 160 -43.27 -24.18 0.79
N ASN B 161 -42.20 -24.40 0.03
CA ASN B 161 -41.26 -23.34 -0.33
C ASN B 161 -40.79 -23.53 -1.76
N THR B 162 -41.16 -22.61 -2.66
CA THR B 162 -40.78 -22.67 -4.07
C THR B 162 -40.23 -21.29 -4.48
N TRP B 163 -39.29 -21.29 -5.42
CA TRP B 163 -38.62 -20.06 -5.88
C TRP B 163 -38.71 -19.96 -7.41
N ARG B 164 -38.80 -18.72 -7.91
CA ARG B 164 -38.79 -18.44 -9.34
C ARG B 164 -37.50 -17.69 -9.64
N LEU B 165 -36.67 -18.27 -10.51
CA LEU B 165 -35.39 -17.62 -10.83
C LEU B 165 -35.61 -16.25 -11.46
N ARG B 166 -34.76 -15.29 -11.08
CA ARG B 166 -34.72 -13.96 -11.67
C ARG B 166 -33.74 -14.00 -12.84
N ILE B 167 -34.24 -14.38 -14.01
CA ILE B 167 -33.36 -14.71 -15.15
C ILE B 167 -32.54 -13.50 -15.59
N PRO B 168 -33.13 -12.33 -15.87
CA PRO B 168 -32.29 -11.17 -16.27
C PRO B 168 -31.25 -10.79 -15.21
N PHE B 169 -31.61 -10.88 -13.93
CA PHE B 169 -30.66 -10.56 -12.88
C PHE B 169 -29.47 -11.53 -12.87
N ILE B 170 -29.75 -12.82 -13.07
CA ILE B 170 -28.68 -13.82 -13.18
C ILE B 170 -27.81 -13.53 -14.40
N ALA B 171 -28.45 -13.22 -15.54
CA ALA B 171 -27.71 -12.86 -16.74
C ALA B 171 -26.79 -11.66 -16.47
N GLN B 172 -27.31 -10.61 -15.81
CA GLN B 172 -26.45 -9.47 -15.43
C GLN B 172 -25.31 -9.90 -14.53
N TRP B 173 -25.61 -10.77 -13.57
CA TRP B 173 -24.60 -11.12 -12.57
C TRP B 173 -23.45 -11.89 -13.20
N TYR B 174 -23.75 -12.84 -14.10
CA TYR B 174 -22.69 -13.47 -14.90
C TYR B 174 -21.85 -12.43 -15.62
N GLY B 175 -22.49 -11.40 -16.16
CA GLY B 175 -21.79 -10.35 -16.87
C GLY B 175 -20.86 -9.54 -15.98
N ILE B 176 -21.28 -9.27 -14.75
CA ILE B 176 -20.41 -8.57 -13.80
C ILE B 176 -19.19 -9.43 -13.47
N GLN B 177 -19.39 -10.74 -13.24
CA GLN B 177 -18.27 -11.67 -13.05
C GLN B 177 -17.35 -11.70 -14.27
N ALA B 178 -17.93 -11.74 -15.48
CA ALA B 178 -17.10 -11.71 -16.69
C ALA B 178 -16.29 -10.42 -16.76
N LEU B 179 -16.91 -9.26 -16.43
CA LEU B 179 -16.15 -8.01 -16.36
C LEU B 179 -14.97 -8.12 -15.38
N ARG B 180 -15.24 -8.62 -14.17
CA ARG B 180 -14.17 -8.77 -13.18
C ARG B 180 -13.11 -9.75 -13.67
N LYS B 181 -13.51 -10.79 -14.39
CA LYS B 181 -12.60 -11.85 -14.80
C LYS B 181 -11.69 -11.39 -15.94
N TYR B 182 -12.26 -10.75 -16.96
CA TYR B 182 -11.60 -10.57 -18.23
C TYR B 182 -11.10 -9.17 -18.46
N VAL B 183 -11.72 -8.16 -17.85
CA VAL B 183 -11.42 -6.77 -18.21
C VAL B 183 -11.26 -5.93 -16.95
N SER B 184 -10.61 -6.51 -15.94
CA SER B 184 -10.20 -5.80 -14.74
C SER B 184 -8.81 -5.19 -15.00
N GLY B 185 -8.75 -3.88 -15.24
CA GLY B 185 -7.50 -3.20 -15.50
C GLY B 185 -7.00 -3.22 -16.93
N ILE B 186 -7.69 -3.92 -17.84
CA ILE B 186 -7.43 -3.92 -19.28
C ILE B 186 -8.79 -3.87 -19.97
N SER B 187 -8.79 -3.55 -21.26
CA SER B 187 -10.04 -3.45 -22.00
C SER B 187 -10.13 -4.57 -23.04
N MET B 188 -11.29 -4.68 -23.67
CA MET B 188 -11.50 -5.75 -24.62
C MET B 188 -12.53 -5.28 -25.63
N PRO B 189 -12.42 -5.71 -26.89
CA PRO B 189 -13.48 -5.40 -27.85
C PRO B 189 -14.83 -5.93 -27.35
N ILE B 190 -15.88 -5.14 -27.57
CA ILE B 190 -17.19 -5.44 -27.01
C ILE B 190 -17.76 -6.72 -27.62
N ASP B 191 -17.53 -6.95 -28.91
CA ASP B 191 -18.13 -8.12 -29.54
C ASP B 191 -17.47 -9.40 -29.02
N GLU B 192 -16.17 -9.35 -28.77
CA GLU B 192 -15.43 -10.44 -28.13
C GLU B 192 -15.82 -10.62 -26.68
N PHE B 193 -16.02 -9.51 -25.95
CA PHE B 193 -16.46 -9.62 -24.56
C PHE B 193 -17.83 -10.27 -24.50
N LEU B 194 -18.73 -9.89 -25.41
CA LEU B 194 -20.07 -10.48 -25.39
C LEU B 194 -20.00 -11.99 -25.62
N ILE B 195 -19.07 -12.44 -26.46
CA ILE B 195 -18.92 -13.87 -26.72
C ILE B 195 -18.44 -14.58 -25.46
N LYS B 196 -17.44 -14.03 -24.78
CA LYS B 196 -16.97 -14.65 -23.55
C LYS B 196 -18.03 -14.67 -22.47
N TRP B 197 -18.80 -13.60 -22.36
CA TRP B 197 -19.88 -13.55 -21.39
C TRP B 197 -20.88 -14.67 -21.65
N LYS B 198 -21.32 -14.76 -22.90
CA LYS B 198 -22.34 -15.74 -23.24
C LYS B 198 -21.85 -17.19 -23.10
N SER B 199 -20.55 -17.43 -23.33
CA SER B 199 -20.01 -18.77 -23.19
C SER B 199 -20.00 -19.26 -21.78
N LEU B 200 -20.12 -18.38 -20.78
CA LEU B 200 -20.12 -18.84 -19.40
C LEU B 200 -21.42 -19.53 -19.00
N PHE B 201 -22.52 -19.25 -19.69
CA PHE B 201 -23.81 -19.82 -19.28
C PHE B 201 -23.93 -21.30 -19.63
N PRO B 202 -24.77 -22.05 -18.92
CA PRO B 202 -25.18 -23.36 -19.40
C PRO B 202 -25.79 -23.22 -20.79
N PRO B 203 -25.68 -24.27 -21.61
CA PRO B 203 -26.32 -24.20 -22.94
C PRO B 203 -27.82 -23.95 -22.83
N PHE B 204 -28.32 -23.12 -23.75
CA PHE B 204 -29.75 -22.77 -23.87
C PHE B 204 -30.28 -21.95 -22.69
N PHE B 205 -29.41 -21.35 -21.86
CA PHE B 205 -29.88 -20.48 -20.78
C PHE B 205 -30.84 -19.45 -21.38
N PRO B 206 -32.10 -19.35 -20.91
CA PRO B 206 -33.13 -18.58 -21.68
C PRO B 206 -33.14 -17.09 -21.45
N CYS B 207 -32.12 -16.38 -21.93
CA CYS B 207 -32.10 -14.93 -21.77
C CYS B 207 -31.23 -14.34 -22.88
N ASP B 208 -31.63 -13.20 -23.41
CA ASP B 208 -30.76 -12.45 -24.30
C ASP B 208 -29.95 -11.45 -23.47
N ILE B 209 -28.69 -11.28 -23.83
CA ILE B 209 -27.82 -10.38 -23.10
C ILE B 209 -27.52 -9.15 -23.95
N ASP B 210 -27.15 -8.09 -23.25
CA ASP B 210 -26.90 -6.80 -23.85
C ASP B 210 -25.96 -6.04 -22.93
N ILE B 211 -25.01 -5.31 -23.52
CA ILE B 211 -24.04 -4.56 -22.71
C ILE B 211 -24.75 -3.55 -21.81
N ASP B 212 -25.97 -3.12 -22.18
CA ASP B 212 -26.72 -2.19 -21.32
C ASP B 212 -27.03 -2.79 -19.96
N MET B 213 -27.13 -4.12 -19.85
CA MET B 213 -27.33 -4.76 -18.55
C MET B 213 -26.25 -4.40 -17.55
N LEU B 214 -25.05 -4.08 -18.04
CA LEU B 214 -23.89 -3.88 -17.19
C LEU B 214 -23.62 -2.41 -16.89
N ARG B 215 -24.58 -1.53 -17.17
CA ARG B 215 -24.44 -0.14 -16.76
C ARG B 215 -24.25 -0.04 -15.24
N GLY B 216 -23.33 0.82 -14.82
CA GLY B 216 -22.96 0.91 -13.42
C GLY B 216 -21.78 0.03 -13.07
N TYR B 217 -21.33 -0.81 -14.00
CA TYR B 217 -20.21 -1.71 -13.75
C TYR B 217 -19.10 -1.64 -14.79
N HIS B 218 -19.24 -0.80 -15.82
CA HIS B 218 -18.21 -0.75 -16.85
C HIS B 218 -18.11 0.68 -17.42
N PHE B 219 -17.04 0.91 -18.17
CA PHE B 219 -16.96 2.09 -19.04
C PHE B 219 -16.46 1.62 -20.40
N LYS B 220 -16.50 2.53 -21.38
CA LYS B 220 -16.16 2.20 -22.75
C LYS B 220 -14.99 3.08 -23.15
N PRO B 221 -13.76 2.57 -23.02
CA PRO B 221 -12.58 3.41 -23.30
C PRO B 221 -12.58 3.93 -24.73
N THR B 222 -13.04 3.14 -25.69
CA THR B 222 -13.45 3.57 -27.03
C THR B 222 -14.88 3.11 -27.27
N ASP B 223 -15.47 3.57 -28.36
CA ASP B 223 -16.86 3.19 -28.56
C ASP B 223 -17.01 1.70 -28.87
N LYS B 224 -15.90 0.98 -29.08
CA LYS B 224 -15.95 -0.45 -29.40
C LYS B 224 -15.33 -1.33 -28.32
N THR B 225 -14.94 -0.78 -27.18
CA THR B 225 -14.30 -1.59 -26.16
C THR B 225 -14.98 -1.38 -24.81
N VAL B 226 -14.69 -2.29 -23.87
CA VAL B 226 -15.31 -2.27 -22.56
C VAL B 226 -14.28 -2.63 -21.50
N GLN B 227 -14.44 -2.06 -20.30
CA GLN B 227 -13.54 -2.31 -19.18
C GLN B 227 -14.33 -2.21 -17.88
N TYR B 228 -13.95 -3.02 -16.91
CA TYR B 228 -14.64 -3.02 -15.63
C TYR B 228 -14.34 -1.75 -14.86
N ILE B 229 -15.31 -1.27 -14.08
CA ILE B 229 -15.04 -0.21 -13.11
C ILE B 229 -15.83 -0.47 -11.84
N ALA B 230 -15.14 -0.32 -10.68
CA ALA B 230 -15.79 -0.47 -9.38
C ALA B 230 -16.18 0.90 -8.86
N LYS B 231 -17.50 1.15 -8.85
CA LYS B 231 -18.04 2.43 -8.40
C LYS B 231 -17.58 2.77 -6.98
N SER B 232 -17.36 1.75 -6.15
CA SER B 232 -16.98 1.96 -4.75
C SER B 232 -15.66 2.72 -4.61
N THR B 233 -14.80 2.71 -5.63
CA THR B 233 -13.50 3.38 -5.55
C THR B 233 -13.49 4.80 -6.11
N LEU B 234 -14.63 5.33 -6.55
CA LEU B 234 -14.64 6.67 -7.16
C LEU B 234 -14.67 7.77 -6.10
N PRO B 235 -14.20 9.00 -6.44
CA PRO B 235 -14.22 10.08 -5.44
C PRO B 235 -15.63 10.43 -4.96
N MET B 236 -15.70 10.91 -3.71
CA MET B 236 -16.98 11.35 -3.15
C MET B 236 -17.29 12.81 -3.48
N ASP B 237 -16.33 13.58 -3.94
CA ASP B 237 -16.65 14.91 -4.43
C ASP B 237 -17.20 14.82 -5.85
N PRO B 238 -18.39 15.34 -6.12
CA PRO B 238 -18.95 15.16 -7.47
C PRO B 238 -18.09 15.73 -8.56
N LYS B 239 -17.49 16.91 -8.35
CA LYS B 239 -16.66 17.48 -9.40
C LYS B 239 -15.45 16.60 -9.68
N GLU B 240 -14.88 16.02 -8.63
CA GLU B 240 -13.74 15.13 -8.81
C GLU B 240 -14.18 13.84 -9.50
N ARG B 241 -15.36 13.33 -9.17
CA ARG B 241 -15.79 12.06 -9.76
C ARG B 241 -15.99 12.22 -11.27
N PHE B 242 -16.65 13.31 -11.68
CA PHE B 242 -16.83 13.57 -13.11
C PHE B 242 -15.49 13.76 -13.82
N LYS B 243 -14.54 14.41 -13.17
CA LYS B 243 -13.20 14.55 -13.73
C LYS B 243 -12.57 13.18 -13.98
N VAL B 244 -12.65 12.29 -12.99
CA VAL B 244 -12.06 10.96 -13.16
C VAL B 244 -12.71 10.22 -14.33
N LEU B 245 -14.05 10.26 -14.38
CA LEU B 245 -14.78 9.51 -15.41
C LEU B 245 -14.51 10.08 -16.80
N PHE B 246 -14.41 11.41 -16.91
CA PHE B 246 -14.11 11.95 -18.22
C PHE B 246 -12.65 11.73 -18.59
N ARG B 247 -11.78 11.53 -17.61
CA ARG B 247 -10.42 11.15 -17.94
C ARG B 247 -10.38 9.72 -18.45
N LEU B 248 -11.25 8.84 -17.93
CA LEU B 248 -11.32 7.46 -18.43
C LEU B 248 -11.99 7.37 -19.80
N GLN B 249 -12.99 8.23 -20.05
CA GLN B 249 -13.80 8.13 -21.25
C GLN B 249 -14.32 9.54 -21.54
N SER B 250 -13.90 10.11 -22.67
CA SER B 250 -14.15 11.54 -22.84
C SER B 250 -15.60 11.80 -23.22
N GLN B 251 -16.30 10.83 -23.80
CA GLN B 251 -17.69 11.03 -24.20
C GLN B 251 -18.53 9.82 -23.79
N TRP B 252 -19.60 10.04 -23.02
CA TRP B 252 -20.43 8.96 -22.48
C TRP B 252 -21.87 9.05 -22.98
N ASP B 253 -22.47 7.91 -23.31
CA ASP B 253 -23.94 7.83 -23.31
C ASP B 253 -24.41 8.23 -21.92
N LEU B 254 -25.39 9.12 -21.88
CA LEU B 254 -25.89 9.61 -20.60
C LEU B 254 -26.35 8.45 -19.71
N GLU B 255 -26.95 7.41 -20.29
CA GLU B 255 -27.40 6.27 -19.49
C GLU B 255 -26.25 5.42 -19.01
N ASP B 256 -25.08 5.47 -19.66
CA ASP B 256 -23.91 4.73 -19.17
C ASP B 256 -23.33 5.38 -17.93
N ILE B 257 -23.30 6.71 -17.87
CA ILE B 257 -22.62 7.38 -16.76
C ILE B 257 -23.53 7.61 -15.56
N LYS B 258 -24.85 7.64 -15.76
CA LYS B 258 -25.79 7.96 -14.70
C LYS B 258 -25.68 7.08 -13.45
N PRO B 259 -25.65 5.75 -13.54
CA PRO B 259 -25.50 4.93 -12.32
C PRO B 259 -24.17 5.12 -11.60
N LEU B 260 -23.13 5.64 -12.25
CA LEU B 260 -21.87 5.84 -11.56
C LEU B 260 -21.83 7.12 -10.74
N ILE B 261 -22.75 8.05 -10.99
CA ILE B 261 -22.74 9.34 -10.31
C ILE B 261 -23.97 9.57 -9.43
N GLU B 262 -24.99 8.73 -9.55
CA GLU B 262 -26.28 9.04 -8.95
C GLU B 262 -26.22 9.17 -7.44
N GLU B 263 -25.38 8.36 -6.80
CA GLU B 263 -25.30 8.34 -5.34
C GLU B 263 -24.86 9.68 -4.76
N LEU B 264 -24.23 10.54 -5.55
CA LEU B 264 -23.74 11.81 -5.05
C LEU B 264 -24.77 12.93 -5.12
N ASN B 265 -25.97 12.67 -5.66
CA ASN B 265 -26.98 13.71 -5.81
C ASN B 265 -27.83 13.80 -4.53
N SER B 266 -27.20 14.32 -3.46
CA SER B 266 -27.86 14.38 -2.16
C SER B 266 -28.91 15.49 -2.05
N ARG B 267 -28.91 16.50 -2.93
CA ARG B 267 -29.97 17.50 -2.95
C ARG B 267 -31.26 16.97 -3.58
N GLY B 268 -31.20 15.81 -4.20
CA GLY B 268 -32.40 15.27 -4.79
C GLY B 268 -32.92 16.02 -5.99
N MET B 269 -32.07 16.77 -6.68
CA MET B 269 -32.58 17.36 -7.91
C MET B 269 -32.78 16.25 -8.96
N LYS B 270 -33.49 16.60 -10.03
CA LYS B 270 -33.60 15.70 -11.17
C LYS B 270 -32.20 15.33 -11.61
N ILE B 271 -32.00 14.05 -11.86
CA ILE B 271 -30.63 13.56 -12.06
C ILE B 271 -29.98 14.19 -13.30
N ASP B 272 -30.77 14.43 -14.35
CA ASP B 272 -30.26 15.13 -15.54
C ASP B 272 -29.81 16.55 -15.19
N SER B 273 -30.55 17.24 -14.33
CA SER B 273 -30.13 18.59 -13.94
C SER B 273 -28.86 18.55 -13.10
N PHE B 274 -28.73 17.53 -12.24
CA PHE B 274 -27.49 17.34 -11.50
C PHE B 274 -26.32 17.11 -12.44
N ILE B 275 -26.51 16.27 -13.45
CA ILE B 275 -25.44 15.93 -14.37
C ILE B 275 -25.02 17.16 -15.15
N MET B 276 -25.99 17.98 -15.57
CA MET B 276 -25.70 19.17 -16.33
C MET B 276 -24.87 20.20 -15.53
N LYS B 277 -24.76 20.06 -14.20
CA LYS B 277 -23.87 20.98 -13.48
C LYS B 277 -22.42 20.73 -13.85
N TYR B 278 -22.08 19.50 -14.25
CA TYR B 278 -20.70 19.06 -14.40
C TYR B 278 -20.35 18.62 -15.81
N ALA B 279 -21.31 18.61 -16.72
CA ALA B 279 -21.06 18.08 -18.05
C ALA B 279 -21.92 18.83 -19.06
N ARG B 280 -21.53 18.77 -20.33
CA ARG B 280 -22.31 19.29 -21.45
C ARG B 280 -22.93 18.12 -22.18
N ARG B 281 -24.16 18.31 -22.65
CA ARG B 281 -24.91 17.27 -23.33
C ARG B 281 -25.21 17.63 -24.78
N LYS B 282 -25.26 16.61 -25.63
CA LYS B 282 -25.64 16.76 -27.02
C LYS B 282 -26.28 15.46 -27.50
N ARG B 283 -27.07 15.55 -28.57
CA ARG B 283 -27.76 14.39 -29.14
C ARG B 283 -26.99 13.89 -30.36
N LEU B 284 -26.47 12.66 -30.28
CA LEU B 284 -25.72 12.02 -31.36
C LEU B 284 -26.44 10.77 -31.83
N GLY B 285 -26.96 10.80 -33.03
CA GLY B 285 -27.70 9.64 -33.46
C GLY B 285 -28.89 9.43 -32.57
N LYS B 286 -28.93 8.28 -31.92
CA LYS B 286 -30.06 7.90 -31.08
C LYS B 286 -29.84 8.26 -29.62
N LYS B 287 -28.61 8.62 -29.27
CA LYS B 287 -28.19 8.76 -27.89
C LYS B 287 -28.08 10.22 -27.49
N THR B 288 -28.33 10.46 -26.21
CA THR B 288 -27.90 11.67 -25.56
C THR B 288 -26.55 11.36 -24.92
N VAL B 289 -25.57 12.15 -25.31
CA VAL B 289 -24.18 11.97 -24.98
C VAL B 289 -23.71 13.16 -24.11
N VAL B 290 -22.77 12.90 -23.17
CA VAL B 290 -22.22 13.96 -22.31
C VAL B 290 -20.70 13.97 -22.36
N THR B 291 -20.15 15.18 -22.22
CA THR B 291 -18.71 15.43 -22.22
C THR B 291 -18.41 16.40 -21.10
N SER B 292 -17.13 16.51 -20.77
CA SER B 292 -16.74 17.38 -19.66
C SER B 292 -17.00 18.86 -19.99
N ARG B 293 -17.19 19.65 -18.93
CA ARG B 293 -17.25 21.10 -19.06
C ARG B 293 -15.88 21.77 -19.04
N GLY C 28 37.09 -4.79 -0.79
CA GLY C 28 37.73 -5.19 0.46
C GLY C 28 37.18 -4.47 1.67
N GLU C 29 36.78 -5.21 2.70
CA GLU C 29 36.17 -4.65 3.90
C GLU C 29 37.05 -4.89 5.12
N LEU C 30 36.64 -4.29 6.23
CA LEU C 30 37.28 -4.56 7.51
C LEU C 30 36.91 -5.95 7.98
N ASN C 31 37.81 -6.57 8.74
CA ASN C 31 37.54 -7.88 9.36
C ASN C 31 37.05 -7.57 10.77
N LEU C 32 35.72 -7.60 10.95
CA LEU C 32 35.10 -7.25 12.22
C LEU C 32 34.83 -8.48 13.10
N ASN C 33 35.45 -9.60 12.78
CA ASN C 33 35.16 -10.82 13.53
C ASN C 33 35.48 -10.63 15.04
N SER C 34 36.59 -9.96 15.37
CA SER C 34 37.10 -9.91 16.73
C SER C 34 36.60 -8.70 17.53
N VAL C 35 35.74 -7.86 16.97
CA VAL C 35 35.53 -6.54 17.55
C VAL C 35 34.20 -6.56 18.29
N PRO C 36 34.19 -6.40 19.60
CA PRO C 36 32.93 -6.43 20.33
C PRO C 36 32.17 -5.13 20.13
N ILE C 37 30.86 -5.22 20.41
CA ILE C 37 29.94 -4.08 20.32
C ILE C 37 29.88 -3.42 21.70
N TYR C 38 30.03 -2.09 21.73
CA TYR C 38 29.95 -1.33 22.98
C TYR C 38 28.61 -0.60 23.06
N ASN C 39 27.87 -0.85 24.15
CA ASN C 39 26.54 -0.30 24.39
C ASN C 39 26.50 0.57 25.64
N GLY C 40 27.60 1.26 25.95
CA GLY C 40 27.63 2.19 27.05
C GLY C 40 27.88 1.58 28.42
N GLU C 41 28.37 0.34 28.48
CA GLU C 41 28.58 -0.32 29.76
C GLU C 41 29.69 0.36 30.55
N LEU C 42 29.47 0.45 31.86
CA LEU C 42 30.45 1.02 32.74
C LEU C 42 31.58 0.06 33.03
N ASP C 43 31.33 -1.23 32.87
CA ASP C 43 32.40 -2.10 33.25
C ASP C 43 32.78 -2.87 31.99
N PHE C 44 33.27 -2.17 30.94
CA PHE C 44 33.33 -2.81 29.62
C PHE C 44 34.38 -3.91 29.54
N SER C 45 35.61 -3.61 29.93
CA SER C 45 36.78 -4.49 29.77
C SER C 45 36.69 -5.75 30.63
N ASP C 46 35.70 -5.79 31.48
CA ASP C 46 35.61 -6.66 32.62
C ASP C 46 35.00 -7.98 32.15
N LYS C 47 33.84 -7.80 31.56
CA LYS C 47 32.85 -8.61 30.83
C LYS C 47 33.27 -8.95 29.41
N ILE C 48 34.50 -8.62 29.04
CA ILE C 48 35.07 -9.08 27.76
C ILE C 48 36.07 -10.22 28.01
N VAL C 56 41.19 -8.09 23.23
CA VAL C 56 41.33 -8.20 21.78
C VAL C 56 42.19 -7.06 21.20
N ILE C 57 41.87 -6.77 19.93
CA ILE C 57 42.24 -5.57 19.25
C ILE C 57 42.23 -4.32 20.13
N GLY C 58 43.33 -3.58 20.14
CA GLY C 58 43.48 -2.43 21.03
C GLY C 58 43.66 -1.15 20.27
N THR C 59 43.96 -1.33 18.99
CA THR C 59 44.46 -0.22 18.19
C THR C 59 44.00 -0.35 16.74
N LEU C 60 43.73 0.81 16.11
CA LEU C 60 43.28 0.75 14.74
C LEU C 60 44.39 0.22 13.81
N GLU C 61 45.71 0.43 14.00
CA GLU C 61 46.60 -0.21 12.98
C GLU C 61 46.47 -1.71 12.99
N GLU C 62 46.65 -2.27 14.18
CA GLU C 62 46.27 -3.65 14.38
C GLU C 62 45.04 -4.09 13.61
N LEU C 63 43.94 -3.35 13.63
CA LEU C 63 42.81 -3.80 12.84
C LEU C 63 43.11 -3.72 11.35
N LEU C 64 43.84 -2.68 10.94
CA LEU C 64 44.20 -2.50 9.56
C LEU C 64 45.17 -3.60 9.09
N GLU C 65 46.15 -4.05 9.91
CA GLU C 65 47.01 -5.13 9.37
C GLU C 65 46.22 -6.40 9.13
N ASN C 66 45.27 -6.67 9.99
CA ASN C 66 44.62 -7.95 9.90
C ASN C 66 43.40 -7.87 9.03
N SER C 67 43.35 -6.87 8.15
CA SER C 67 42.17 -6.71 7.33
C SER C 67 42.57 -6.69 5.85
N PRO C 68 41.75 -7.29 4.99
CA PRO C 68 42.06 -7.38 3.56
C PRO C 68 41.63 -6.16 2.76
N CYS C 69 41.79 -4.95 3.30
CA CYS C 69 41.43 -3.72 2.59
C CYS C 69 42.55 -2.71 2.77
N SER C 70 42.54 -1.67 1.96
CA SER C 70 43.54 -0.62 2.10
C SER C 70 43.32 0.19 3.37
N ALA C 71 44.34 0.96 3.74
CA ALA C 71 44.27 1.78 4.95
C ALA C 71 43.18 2.84 4.83
N LEU C 72 43.10 3.51 3.67
CA LEU C 72 42.09 4.53 3.49
C LEU C 72 40.69 3.93 3.48
N GLU C 73 40.53 2.77 2.85
CA GLU C 73 39.23 2.11 2.89
C GLU C 73 38.85 1.74 4.32
N GLY C 74 39.78 1.15 5.07
CA GLY C 74 39.47 0.73 6.44
C GLY C 74 39.15 1.90 7.35
N ILE C 75 39.91 2.98 7.23
CA ILE C 75 39.66 4.17 8.05
C ILE C 75 38.28 4.75 7.72
N SER C 76 37.97 4.87 6.41
CA SER C 76 36.67 5.40 6.02
C SER C 76 35.53 4.55 6.56
N LYS C 77 35.64 3.22 6.44
CA LYS C 77 34.59 2.34 6.96
C LYS C 77 34.57 2.37 8.48
N TRP C 78 35.75 2.49 9.11
CA TRP C 78 35.79 2.65 10.56
C TRP C 78 34.98 3.89 10.99
N HIS C 79 35.16 5.02 10.29
CA HIS C 79 34.40 6.21 10.67
C HIS C 79 32.91 6.02 10.42
N LYS C 80 32.54 5.32 9.33
CA LYS C 80 31.13 5.19 8.98
C LYS C 80 30.42 4.20 9.90
N ILE C 81 31.11 3.18 10.40
CA ILE C 81 30.41 2.25 11.30
C ILE C 81 30.50 2.68 12.76
N GLY C 82 31.20 3.75 13.06
CA GLY C 82 31.26 4.19 14.44
C GLY C 82 32.20 3.37 15.31
N GLY C 83 33.34 2.98 14.77
CA GLY C 83 34.34 2.31 15.59
C GLY C 83 35.01 3.27 16.55
N SER C 84 35.36 2.75 17.73
CA SER C 84 35.97 3.54 18.81
C SER C 84 36.92 2.64 19.59
N VAL C 85 37.39 3.11 20.75
CA VAL C 85 38.12 2.25 21.69
C VAL C 85 37.70 2.61 23.10
N LYS C 86 37.58 1.59 23.95
CA LYS C 86 37.11 1.72 25.32
C LYS C 86 38.02 0.89 26.21
N ASP C 87 38.63 1.52 27.21
CA ASP C 87 39.44 0.76 28.17
C ASP C 87 40.50 -0.07 27.47
N GLY C 88 41.12 0.51 26.45
CA GLY C 88 42.13 -0.17 25.70
C GLY C 88 41.66 -1.22 24.72
N VAL C 89 40.37 -1.56 24.67
CA VAL C 89 39.89 -2.56 23.72
C VAL C 89 39.18 -1.84 22.57
N LEU C 90 39.63 -2.11 21.35
CA LEU C 90 38.97 -1.59 20.16
C LEU C 90 37.55 -2.16 20.09
N CYS C 91 36.58 -1.31 19.72
CA CYS C 91 35.17 -1.69 19.77
C CYS C 91 34.38 -0.95 18.68
N ILE C 92 33.11 -1.29 18.59
CA ILE C 92 32.13 -0.64 17.71
C ILE C 92 30.92 -0.25 18.56
N LEU C 93 30.51 1.02 18.46
CA LEU C 93 29.37 1.51 19.23
C LEU C 93 28.09 0.87 18.69
N SER C 94 27.24 0.38 19.59
CA SER C 94 25.92 -0.08 19.18
C SER C 94 25.16 1.06 18.56
N GLN C 95 24.19 0.71 17.75
CA GLN C 95 23.63 1.80 17.04
C GLN C 95 22.73 2.64 17.95
N ASP C 96 22.18 2.00 18.98
CA ASP C 96 21.45 2.73 20.03
C ASP C 96 22.37 3.68 20.80
N PHE C 97 23.58 3.24 21.14
CA PHE C 97 24.48 4.11 21.91
C PHE C 97 25.10 5.21 21.06
N LEU C 98 25.38 4.95 19.77
CA LEU C 98 25.86 6.01 18.91
C LEU C 98 24.85 7.15 18.83
N PHE C 99 23.56 6.78 18.69
CA PHE C 99 22.50 7.78 18.68
C PHE C 99 22.46 8.53 20.00
N LYS C 100 22.59 7.79 21.12
CA LYS C 100 22.61 8.44 22.42
C LYS C 100 23.80 9.35 22.58
N ALA C 101 24.98 8.90 22.09
CA ALA C 101 26.18 9.72 22.21
C ALA C 101 26.07 10.98 21.38
N LEU C 102 25.59 10.87 20.14
CA LEU C 102 25.33 12.06 19.34
C LEU C 102 24.38 13.02 20.06
N HIS C 103 23.30 12.50 20.63
CA HIS C 103 22.30 13.37 21.24
C HIS C 103 22.88 14.13 22.43
N VAL C 104 23.64 13.44 23.30
CA VAL C 104 24.21 14.15 24.43
C VAL C 104 25.28 15.13 23.97
N LEU C 105 26.05 14.78 22.94
CA LEU C 105 27.00 15.75 22.39
C LEU C 105 26.27 17.01 21.93
N LEU C 106 25.19 16.83 21.17
CA LEU C 106 24.45 17.97 20.65
C LEU C 106 23.81 18.78 21.80
N MET C 107 23.20 18.09 22.77
CA MET C 107 22.65 18.76 23.95
C MET C 107 23.71 19.61 24.65
N SER C 108 24.87 19.01 24.91
CA SER C 108 25.94 19.68 25.66
C SER C 108 26.53 20.85 24.86
N ALA C 109 26.62 20.70 23.54
CA ALA C 109 27.14 21.75 22.69
C ALA C 109 26.21 22.95 22.66
N MET C 110 24.90 22.70 22.62
CA MET C 110 23.93 23.79 22.68
C MET C 110 24.00 24.51 24.02
N ALA C 111 24.10 23.75 25.13
CA ALA C 111 24.04 24.31 26.47
C ALA C 111 25.26 25.18 26.81
N GLU C 112 26.44 24.76 26.37
CA GLU C 112 27.66 25.52 26.65
C GLU C 112 28.00 26.48 25.52
N SER C 113 27.07 26.68 24.58
CA SER C 113 27.25 27.57 23.43
C SER C 113 28.58 27.34 22.71
N LEU C 114 28.86 26.08 22.40
CA LEU C 114 29.99 25.75 21.55
C LEU C 114 29.70 26.14 20.11
N ASP C 115 30.77 26.32 19.36
CA ASP C 115 30.71 26.65 17.93
C ASP C 115 30.53 25.36 17.14
N LEU C 116 29.31 25.16 16.62
CA LEU C 116 28.99 23.94 15.90
C LEU C 116 29.78 23.80 14.61
N GLN C 117 30.38 24.88 14.12
CA GLN C 117 31.24 24.78 12.95
C GLN C 117 32.69 24.54 13.28
N HIS C 118 33.07 24.62 14.57
CA HIS C 118 34.46 24.48 14.97
C HIS C 118 34.49 23.85 16.35
N LEU C 119 34.11 22.58 16.40
CA LEU C 119 34.13 21.83 17.64
C LEU C 119 35.47 21.12 17.77
N ASN C 120 35.99 21.04 18.99
CA ASN C 120 37.19 20.26 19.24
C ASN C 120 36.89 19.21 20.30
N VAL C 121 37.73 18.18 20.36
CA VAL C 121 37.45 17.06 21.26
C VAL C 121 37.46 17.49 22.72
N GLU C 122 38.43 18.33 23.11
CA GLU C 122 38.62 18.64 24.52
C GLU C 122 37.43 19.41 25.08
N ASP C 123 37.09 20.52 24.43
CA ASP C 123 35.97 21.32 24.89
C ASP C 123 34.67 20.52 24.84
N THR C 124 34.48 19.74 23.78
CA THR C 124 33.22 19.00 23.69
C THR C 124 33.16 17.94 24.77
N HIS C 125 34.26 17.22 24.99
CA HIS C 125 34.32 16.26 26.08
C HIS C 125 34.05 16.94 27.42
N HIS C 126 34.61 18.13 27.61
CA HIS C 126 34.36 18.91 28.82
C HIS C 126 32.88 19.28 28.94
N ALA C 127 32.29 19.76 27.84
CA ALA C 127 30.90 20.19 27.88
C ALA C 127 29.97 19.03 28.26
N VAL C 128 30.22 17.83 27.73
CA VAL C 128 29.37 16.67 28.02
C VAL C 128 29.49 16.21 29.48
N GLY C 129 30.69 16.31 30.06
CA GLY C 129 30.89 15.82 31.42
C GLY C 129 30.35 16.71 32.53
N LYS C 130 29.98 17.97 32.21
CA LYS C 130 29.63 18.95 33.23
C LYS C 130 28.41 18.54 34.04
N ASP C 131 27.45 17.83 33.43
CA ASP C 131 26.26 17.45 34.17
C ASP C 131 26.24 15.94 34.43
N ILE C 132 27.39 15.28 34.39
CA ILE C 132 27.44 13.85 34.65
C ILE C 132 28.57 13.61 35.65
N GLU C 133 28.31 12.80 36.66
CA GLU C 133 29.38 12.47 37.59
C GLU C 133 30.32 11.54 36.83
N ASP C 134 31.63 11.65 37.08
CA ASP C 134 32.53 10.93 36.20
C ASP C 134 32.42 9.43 36.36
N GLU C 135 32.00 8.97 37.53
CA GLU C 135 31.83 7.53 37.71
C GLU C 135 30.69 6.99 36.87
N PHE C 136 29.80 7.84 36.35
CA PHE C 136 28.72 7.38 35.50
C PHE C 136 28.81 7.93 34.07
N ASN C 137 29.98 8.42 33.65
CA ASN C 137 30.12 9.06 32.34
C ASN C 137 30.85 8.17 31.33
N PRO C 138 30.14 7.50 30.42
CA PRO C 138 30.81 6.69 29.39
C PRO C 138 31.31 7.48 28.19
N TYR C 139 31.11 8.79 28.14
CA TYR C 139 31.46 9.58 26.96
C TYR C 139 32.92 10.05 27.09
N THR C 140 33.85 9.10 26.86
CA THR C 140 35.29 9.37 26.88
C THR C 140 35.66 10.21 25.66
N ARG C 141 36.91 10.70 25.68
CA ARG C 141 37.43 11.47 24.54
C ARG C 141 37.37 10.69 23.23
N GLU C 142 37.63 9.39 23.27
CA GLU C 142 37.60 8.60 22.04
C GLU C 142 36.18 8.42 21.54
N ILE C 143 35.23 8.22 22.47
CA ILE C 143 33.82 8.13 22.10
C ILE C 143 33.37 9.43 21.44
N ILE C 144 33.79 10.58 21.98
CA ILE C 144 33.44 11.88 21.38
C ILE C 144 34.02 11.97 19.98
N GLU C 145 35.29 11.60 19.83
CA GLU C 145 35.96 11.69 18.53
C GLU C 145 35.28 10.78 17.51
N THR C 146 34.77 9.62 17.97
CA THR C 146 34.03 8.70 17.12
C THR C 146 32.73 9.33 16.60
N VAL C 147 31.97 9.98 17.48
CA VAL C 147 30.76 10.68 17.06
C VAL C 147 31.09 11.77 16.06
N LEU C 148 32.10 12.58 16.36
CA LEU C 148 32.47 13.66 15.46
C LEU C 148 32.90 13.12 14.09
N ASN C 149 33.60 11.98 14.07
CA ASN C 149 34.04 11.43 12.81
C ASN C 149 32.91 10.81 12.00
N LYS C 150 31.80 10.48 12.65
CA LYS C 150 30.62 9.95 11.99
C LYS C 150 29.70 11.09 11.53
N PHE C 151 29.51 12.13 12.36
CA PHE C 151 28.50 13.14 12.06
C PHE C 151 29.10 14.52 11.77
N ALA C 152 30.41 14.64 11.57
CA ALA C 152 31.04 15.93 11.32
C ALA C 152 32.24 15.72 10.39
N VAL C 153 32.75 16.82 9.85
CA VAL C 153 33.90 16.80 8.95
C VAL C 153 35.07 17.59 9.54
N GLN C 154 36.24 16.99 9.54
CA GLN C 154 37.41 17.65 10.08
C GLN C 154 38.01 18.59 9.05
N GLU C 155 38.46 19.74 9.53
CA GLU C 155 38.96 20.84 8.72
C GLU C 155 39.95 20.42 7.62
N ASN C 160 43.52 23.60 11.84
CA ASN C 160 43.32 23.01 13.17
C ASN C 160 42.77 21.58 13.03
N ASN C 161 42.90 20.76 14.07
CA ASN C 161 42.00 19.60 14.30
C ASN C 161 40.69 20.02 14.98
N THR C 162 39.81 20.56 14.14
CA THR C 162 38.51 21.09 14.52
C THR C 162 37.45 20.50 13.58
N TRP C 163 36.24 20.29 14.10
CA TRP C 163 35.20 19.61 13.34
C TRP C 163 34.02 20.52 13.10
N ARG C 164 33.43 20.38 11.93
CA ARG C 164 32.25 21.11 11.52
C ARG C 164 31.10 20.11 11.36
N LEU C 165 30.04 20.29 12.15
CA LEU C 165 28.91 19.37 12.11
C LEU C 165 28.30 19.33 10.72
N ARG C 166 27.91 18.13 10.30
CA ARG C 166 27.09 17.99 9.08
C ARG C 166 25.61 18.05 9.47
N ILE C 167 25.11 19.28 9.59
CA ILE C 167 23.78 19.47 10.18
C ILE C 167 22.69 18.81 9.36
N PRO C 168 22.59 19.00 8.04
CA PRO C 168 21.54 18.28 7.28
C PRO C 168 21.64 16.76 7.39
N PHE C 169 22.86 16.20 7.43
CA PHE C 169 23.00 14.76 7.64
C PHE C 169 22.48 14.34 9.01
N ILE C 170 22.78 15.12 10.06
CA ILE C 170 22.26 14.83 11.40
C ILE C 170 20.72 14.88 11.41
N ALA C 171 20.15 15.93 10.79
CA ALA C 171 18.68 16.04 10.71
C ALA C 171 18.07 14.83 10.01
N GLN C 172 18.66 14.40 8.90
CA GLN C 172 18.15 13.21 8.21
C GLN C 172 18.22 11.99 9.11
N TRP C 173 19.34 11.83 9.84
CA TRP C 173 19.49 10.64 10.67
C TRP C 173 18.44 10.59 11.77
N TYR C 174 18.19 11.73 12.44
CA TYR C 174 17.07 11.80 13.36
C TYR C 174 15.74 11.47 12.66
N GLY C 175 15.56 11.96 11.43
CA GLY C 175 14.31 11.72 10.73
C GLY C 175 14.09 10.24 10.46
N ILE C 176 15.14 9.52 10.09
CA ILE C 176 15.00 8.07 9.88
C ILE C 176 14.57 7.39 11.16
N GLN C 177 15.16 7.78 12.29
CA GLN C 177 14.72 7.20 13.55
C GLN C 177 13.25 7.55 13.82
N ALA C 178 12.86 8.78 13.53
CA ALA C 178 11.47 9.17 13.73
C ALA C 178 10.50 8.32 12.90
N LEU C 179 10.84 8.06 11.63
CA LEU C 179 9.99 7.21 10.79
C LEU C 179 9.80 5.82 11.43
N ARG C 180 10.90 5.22 11.88
CA ARG C 180 10.82 3.91 12.52
C ARG C 180 10.03 3.99 13.82
N LYS C 181 10.16 5.11 14.54
CA LYS C 181 9.55 5.22 15.86
C LYS C 181 8.04 5.38 15.74
N TYR C 182 7.60 6.26 14.84
CA TYR C 182 6.22 6.69 14.81
C TYR C 182 5.38 6.09 13.71
N VAL C 183 5.99 5.63 12.62
CA VAL C 183 5.16 5.39 11.43
C VAL C 183 5.60 4.08 10.74
N SER C 184 5.94 3.10 11.55
CA SER C 184 6.43 1.83 11.05
C SER C 184 5.37 1.03 10.28
N GLY C 185 4.28 0.61 10.91
CA GLY C 185 3.27 -0.15 10.18
C GLY C 185 1.96 0.62 10.00
N ILE C 186 1.98 1.89 10.38
CA ILE C 186 0.86 2.80 10.23
C ILE C 186 1.37 4.08 9.59
N SER C 187 0.43 4.90 9.13
CA SER C 187 0.72 6.17 8.49
C SER C 187 0.30 7.32 9.41
N MET C 188 0.74 8.52 9.03
CA MET C 188 0.50 9.72 9.82
C MET C 188 0.51 10.91 8.88
N PRO C 189 -0.28 11.95 9.14
CA PRO C 189 -0.21 13.17 8.31
C PRO C 189 1.20 13.75 8.33
N ILE C 190 1.62 14.33 7.20
CA ILE C 190 3.02 14.72 7.06
C ILE C 190 3.39 15.84 8.06
N ASP C 191 2.54 16.86 8.20
CA ASP C 191 2.88 17.91 9.15
C ASP C 191 2.81 17.48 10.60
N GLU C 192 1.94 16.54 10.98
CA GLU C 192 2.09 15.97 12.32
C GLU C 192 3.41 15.25 12.48
N PHE C 193 3.85 14.53 11.44
CA PHE C 193 5.13 13.82 11.51
C PHE C 193 6.30 14.77 11.63
N LEU C 194 6.27 15.89 10.90
CA LEU C 194 7.35 16.86 10.92
C LEU C 194 7.54 17.47 12.32
N ILE C 195 6.43 17.73 13.03
CA ILE C 195 6.56 18.28 14.38
C ILE C 195 7.21 17.24 15.31
N LYS C 196 6.75 15.98 15.25
CA LYS C 196 7.32 14.93 16.09
C LYS C 196 8.81 14.72 15.80
N TRP C 197 9.19 14.74 14.51
CA TRP C 197 10.59 14.66 14.11
C TRP C 197 11.40 15.79 14.72
N LYS C 198 10.92 17.03 14.57
CA LYS C 198 11.65 18.19 15.10
C LYS C 198 11.72 18.14 16.61
N SER C 199 10.69 17.57 17.27
CA SER C 199 10.69 17.52 18.72
C SER C 199 11.80 16.64 19.27
N LEU C 200 12.40 15.75 18.46
CA LEU C 200 13.45 14.85 18.93
C LEU C 200 14.78 15.54 19.09
N PHE C 201 15.01 16.67 18.42
CA PHE C 201 16.29 17.36 18.54
C PHE C 201 16.42 17.98 19.92
N PRO C 202 17.65 18.21 20.38
CA PRO C 202 17.86 19.05 21.55
C PRO C 202 17.22 20.40 21.32
N PRO C 203 16.74 21.04 22.38
CA PRO C 203 16.05 22.33 22.23
C PRO C 203 16.88 23.33 21.48
N PHE C 204 16.27 23.92 20.46
CA PHE C 204 16.81 24.98 19.61
C PHE C 204 17.91 24.54 18.63
N PHE C 205 18.11 23.25 18.44
CA PHE C 205 19.10 22.79 17.47
C PHE C 205 18.83 23.40 16.10
N PRO C 206 19.79 24.14 15.51
CA PRO C 206 19.52 24.95 14.30
C PRO C 206 19.53 24.19 12.96
N CYS C 207 18.41 23.56 12.64
CA CYS C 207 18.32 22.82 11.39
C CYS C 207 16.93 22.94 10.81
N ASP C 208 16.88 22.89 9.49
CA ASP C 208 15.64 22.81 8.74
C ASP C 208 15.34 21.35 8.42
N ILE C 209 14.06 21.02 8.39
CA ILE C 209 13.64 19.68 8.00
C ILE C 209 12.61 19.76 6.88
N ASP C 210 12.52 18.67 6.15
CA ASP C 210 11.68 18.56 4.97
C ASP C 210 11.53 17.07 4.72
N ILE C 211 10.31 16.64 4.37
CA ILE C 211 10.11 15.19 4.14
C ILE C 211 11.02 14.69 3.02
N ASP C 212 11.39 15.57 2.08
CA ASP C 212 12.27 15.18 0.98
C ASP C 212 13.62 14.65 1.45
N MET C 213 14.06 15.03 2.64
CA MET C 213 15.29 14.48 3.21
C MET C 213 15.20 12.95 3.42
N LEU C 214 13.99 12.39 3.53
CA LEU C 214 13.77 10.98 3.90
C LEU C 214 13.41 10.09 2.71
N ARG C 215 13.67 10.57 1.49
CA ARG C 215 13.55 9.73 0.31
C ARG C 215 14.42 8.49 0.47
N GLY C 216 13.86 7.34 0.12
CA GLY C 216 14.50 6.05 0.35
C GLY C 216 14.04 5.35 1.61
N TYR C 217 13.29 6.03 2.48
CA TYR C 217 12.86 5.46 3.75
C TYR C 217 11.35 5.56 3.99
N HIS C 218 10.59 6.14 3.08
CA HIS C 218 9.17 6.29 3.33
C HIS C 218 8.41 6.17 2.02
N PHE C 219 7.10 5.99 2.15
CA PHE C 219 6.19 6.17 1.04
C PHE C 219 5.02 7.02 1.55
N LYS C 220 4.22 7.51 0.61
CA LYS C 220 3.10 8.40 0.92
C LYS C 220 1.82 7.68 0.52
N PRO C 221 1.16 6.97 1.45
CA PRO C 221 -0.09 6.27 1.09
C PRO C 221 -1.12 7.22 0.49
N THR C 222 -1.22 8.45 1.00
CA THR C 222 -1.86 9.57 0.31
C THR C 222 -0.85 10.71 0.21
N ASP C 223 -1.16 11.77 -0.54
CA ASP C 223 -0.10 12.80 -0.66
C ASP C 223 0.13 13.53 0.64
N LYS C 224 -0.71 13.35 1.63
CA LYS C 224 -0.60 14.10 2.88
C LYS C 224 -0.18 13.24 4.05
N THR C 225 0.10 11.97 3.82
CA THR C 225 0.50 11.10 4.90
C THR C 225 1.81 10.43 4.54
N VAL C 226 2.47 9.85 5.55
CA VAL C 226 3.78 9.24 5.37
C VAL C 226 3.80 7.97 6.21
N GLN C 227 4.56 6.98 5.73
CA GLN C 227 4.76 5.70 6.41
C GLN C 227 6.15 5.20 6.07
N TYR C 228 6.76 4.50 7.04
CA TYR C 228 8.10 3.95 6.86
C TYR C 228 8.08 2.75 5.92
N ILE C 229 9.16 2.59 5.15
CA ILE C 229 9.41 1.39 4.35
C ILE C 229 10.89 1.03 4.42
N ALA C 230 11.18 -0.26 4.60
CA ALA C 230 12.55 -0.77 4.61
C ALA C 230 12.88 -1.27 3.20
N LYS C 231 13.77 -0.54 2.50
CA LYS C 231 14.15 -0.92 1.14
C LYS C 231 14.65 -2.36 1.07
N SER C 232 15.31 -2.84 2.11
CA SER C 232 15.98 -4.13 2.03
C SER C 232 15.01 -5.29 1.82
N THR C 233 13.74 -5.11 2.16
CA THR C 233 12.74 -6.18 2.12
C THR C 233 11.96 -6.23 0.82
N LEU C 234 12.30 -5.39 -0.17
CA LEU C 234 11.54 -5.40 -1.42
C LEU C 234 11.97 -6.55 -2.33
N PRO C 235 11.08 -7.02 -3.22
CA PRO C 235 11.45 -8.11 -4.14
C PRO C 235 12.63 -7.71 -5.02
N MET C 236 13.46 -8.70 -5.36
CA MET C 236 14.61 -8.54 -6.26
C MET C 236 14.25 -8.66 -7.74
N ASP C 237 13.08 -9.12 -8.05
CA ASP C 237 12.56 -9.09 -9.41
C ASP C 237 11.93 -7.73 -9.70
N PRO C 238 12.32 -7.05 -10.78
CA PRO C 238 11.79 -5.70 -10.98
C PRO C 238 10.29 -5.64 -11.22
N LYS C 239 9.70 -6.61 -11.92
CA LYS C 239 8.26 -6.58 -12.11
C LYS C 239 7.55 -6.66 -10.79
N GLU C 240 8.03 -7.54 -9.93
CA GLU C 240 7.41 -7.72 -8.63
C GLU C 240 7.63 -6.50 -7.73
N ARG C 241 8.82 -5.88 -7.79
CA ARG C 241 9.09 -4.74 -6.91
C ARG C 241 8.19 -3.56 -7.26
N PHE C 242 8.08 -3.23 -8.56
CA PHE C 242 7.17 -2.16 -8.96
C PHE C 242 5.74 -2.52 -8.58
N LYS C 243 5.39 -3.81 -8.68
CA LYS C 243 4.05 -4.26 -8.27
C LYS C 243 3.78 -3.90 -6.82
N VAL C 244 4.72 -4.22 -5.94
CA VAL C 244 4.54 -3.94 -4.52
C VAL C 244 4.40 -2.44 -4.30
N LEU C 245 5.22 -1.64 -4.97
CA LEU C 245 5.25 -0.21 -4.69
C LEU C 245 3.99 0.49 -5.18
N PHE C 246 3.45 0.08 -6.32
CA PHE C 246 2.24 0.72 -6.78
C PHE C 246 1.03 0.28 -5.94
N ARG C 247 1.08 -0.90 -5.33
CA ARG C 247 -0.01 -1.23 -4.39
C ARG C 247 0.05 -0.34 -3.15
N LEU C 248 1.26 0.00 -2.69
CA LEU C 248 1.38 0.89 -1.54
C LEU C 248 0.99 2.32 -1.88
N GLN C 249 1.31 2.77 -3.10
CA GLN C 249 1.13 4.18 -3.47
C GLN C 249 0.99 4.22 -4.99
N SER C 250 -0.19 4.62 -5.48
CA SER C 250 -0.47 4.49 -6.92
C SER C 250 0.24 5.52 -7.80
N GLN C 251 0.62 6.68 -7.26
CA GLN C 251 1.34 7.68 -8.05
C GLN C 251 2.48 8.25 -7.22
N TRP C 252 3.70 8.19 -7.78
CA TRP C 252 4.90 8.61 -7.07
C TRP C 252 5.56 9.77 -7.79
N ASP C 253 6.03 10.75 -7.03
CA ASP C 253 7.10 11.62 -7.51
C ASP C 253 8.32 10.77 -7.86
N LEU C 254 8.96 11.09 -8.99
CA LEU C 254 10.13 10.34 -9.45
C LEU C 254 11.21 10.25 -8.39
N GLU C 255 11.50 11.37 -7.71
CA GLU C 255 12.57 11.39 -6.72
C GLU C 255 12.21 10.56 -5.49
N ASP C 256 10.92 10.32 -5.23
CA ASP C 256 10.52 9.48 -4.10
C ASP C 256 10.69 7.99 -4.40
N ILE C 257 10.39 7.55 -5.62
CA ILE C 257 10.47 6.12 -5.92
C ILE C 257 11.89 5.70 -6.33
N LYS C 258 12.68 6.61 -6.88
CA LYS C 258 14.02 6.31 -7.40
C LYS C 258 14.92 5.54 -6.42
N PRO C 259 15.14 6.00 -5.18
CA PRO C 259 16.04 5.24 -4.29
C PRO C 259 15.49 3.87 -3.93
N LEU C 260 14.19 3.63 -4.13
CA LEU C 260 13.61 2.33 -3.83
C LEU C 260 13.75 1.32 -4.97
N ILE C 261 14.09 1.76 -6.19
CA ILE C 261 14.19 0.85 -7.32
C ILE C 261 15.61 0.82 -7.94
N GLU C 262 16.48 1.79 -7.65
CA GLU C 262 17.74 1.93 -8.36
C GLU C 262 18.66 0.72 -8.14
N GLU C 263 18.49 0.02 -7.02
CA GLU C 263 19.30 -1.16 -6.79
C GLU C 263 19.13 -2.20 -7.90
N LEU C 264 17.98 -2.20 -8.56
CA LEU C 264 17.74 -3.18 -9.62
C LEU C 264 18.16 -2.68 -11.00
N ASN C 265 18.63 -1.43 -11.13
CA ASN C 265 19.02 -0.89 -12.44
C ASN C 265 20.50 -1.22 -12.70
N SER C 266 20.77 -2.49 -13.02
CA SER C 266 22.15 -2.92 -13.22
C SER C 266 22.72 -2.53 -14.59
N ARG C 267 21.89 -2.16 -15.56
CA ARG C 267 22.47 -1.61 -16.77
C ARG C 267 22.95 -0.16 -16.60
N GLY C 268 22.67 0.51 -15.47
CA GLY C 268 23.20 1.85 -15.29
C GLY C 268 22.64 2.93 -16.22
N MET C 269 21.47 2.70 -16.82
CA MET C 269 20.85 3.72 -17.65
C MET C 269 20.28 4.84 -16.78
N LYS C 270 19.94 5.94 -17.44
CA LYS C 270 19.21 7.00 -16.76
C LYS C 270 17.95 6.42 -16.12
N ILE C 271 17.66 6.86 -14.89
CA ILE C 271 16.60 6.19 -14.12
C ILE C 271 15.24 6.34 -14.83
N ASP C 272 15.03 7.45 -15.54
CA ASP C 272 13.78 7.66 -16.29
C ASP C 272 13.57 6.55 -17.30
N SER C 273 14.63 6.13 -17.99
CA SER C 273 14.51 5.08 -18.99
C SER C 273 14.28 3.72 -18.35
N PHE C 274 14.94 3.47 -17.21
CA PHE C 274 14.69 2.24 -16.46
C PHE C 274 13.24 2.17 -16.01
N ILE C 275 12.72 3.28 -15.48
CA ILE C 275 11.34 3.29 -15.05
C ILE C 275 10.40 3.05 -16.23
N MET C 276 10.69 3.67 -17.37
CA MET C 276 9.81 3.48 -18.53
C MET C 276 9.79 2.05 -19.03
N LYS C 277 10.80 1.23 -18.69
CA LYS C 277 10.77 -0.20 -19.03
C LYS C 277 9.75 -0.98 -18.23
N TYR C 278 9.45 -0.55 -17.00
CA TYR C 278 8.53 -1.30 -16.17
C TYR C 278 7.32 -0.50 -15.74
N ALA C 279 7.29 0.81 -16.01
CA ALA C 279 6.27 1.68 -15.47
C ALA C 279 6.06 2.85 -16.41
N ARG C 280 5.09 3.69 -16.11
CA ARG C 280 4.89 4.91 -16.86
C ARG C 280 5.43 6.13 -16.13
N ARG C 281 6.14 6.94 -16.88
CA ARG C 281 6.69 8.18 -16.39
C ARG C 281 6.01 9.31 -17.15
N LYS C 282 5.73 10.41 -16.43
CA LYS C 282 5.14 11.58 -17.07
C LYS C 282 5.52 12.84 -16.32
N ARG C 283 5.44 13.97 -17.01
CA ARG C 283 5.71 15.26 -16.41
C ARG C 283 4.41 15.91 -15.94
N LEU C 284 4.36 16.25 -14.65
CA LEU C 284 3.24 17.00 -14.07
C LEU C 284 3.76 18.34 -13.50
N GLY C 285 3.61 19.40 -14.28
CA GLY C 285 4.12 20.69 -13.82
C GLY C 285 5.64 20.69 -13.77
N LYS C 286 6.17 20.97 -12.58
CA LYS C 286 7.62 21.00 -12.38
C LYS C 286 8.19 19.65 -11.98
N LYS C 287 7.34 18.68 -11.65
CA LYS C 287 7.72 17.37 -11.17
C LYS C 287 7.54 16.30 -12.26
N THR C 288 8.30 15.21 -12.11
CA THR C 288 8.09 13.99 -12.86
C THR C 288 7.41 12.98 -11.96
N VAL C 289 6.34 12.38 -12.47
CA VAL C 289 5.46 11.45 -11.76
C VAL C 289 5.53 10.08 -12.43
N VAL C 290 5.39 9.01 -11.61
CA VAL C 290 5.50 7.62 -12.07
C VAL C 290 4.26 6.85 -11.64
N THR C 291 3.71 6.03 -12.55
CA THR C 291 2.55 5.19 -12.27
C THR C 291 2.74 3.84 -12.94
N SER C 292 1.85 2.92 -12.56
CA SER C 292 1.89 1.51 -12.96
C SER C 292 1.80 1.22 -14.46
N ARG C 293 2.03 -0.05 -14.80
CA ARG C 293 1.92 -0.58 -16.17
C ARG C 293 2.67 0.29 -17.16
N THR D 26 12.64 -3.30 11.00
CA THR D 26 12.18 -1.94 10.81
C THR D 26 13.17 -1.02 11.54
N HIS D 27 14.30 -1.57 11.99
CA HIS D 27 15.10 -0.78 12.93
C HIS D 27 16.53 -1.25 13.11
N GLY D 28 17.07 -2.03 12.18
CA GLY D 28 18.25 -2.73 12.58
C GLY D 28 19.00 -3.36 11.43
N GLU D 29 20.24 -3.64 11.73
CA GLU D 29 21.33 -4.02 10.87
C GLU D 29 21.68 -5.44 11.35
N LEU D 30 22.42 -6.22 10.57
CA LEU D 30 22.81 -7.50 11.16
C LEU D 30 23.90 -7.20 12.17
N ASN D 31 23.99 -7.97 13.24
CA ASN D 31 25.14 -7.82 14.13
C ASN D 31 26.11 -8.91 13.71
N LEU D 32 27.13 -8.53 12.97
CA LEU D 32 28.09 -9.49 12.43
C LEU D 32 29.25 -9.75 13.38
N ASN D 33 29.02 -9.60 14.68
CA ASN D 33 30.05 -9.59 15.70
C ASN D 33 31.02 -10.76 15.58
N SER D 34 30.52 -11.98 15.67
CA SER D 34 31.37 -13.16 15.68
C SER D 34 31.38 -13.88 14.33
N VAL D 35 31.05 -13.19 13.25
CA VAL D 35 30.83 -13.82 11.95
C VAL D 35 32.11 -13.72 11.13
N PRO D 36 32.83 -14.81 10.91
CA PRO D 36 34.10 -14.74 10.18
C PRO D 36 33.95 -14.70 8.67
N ILE D 37 35.02 -14.28 8.03
CA ILE D 37 35.08 -14.27 6.59
C ILE D 37 35.62 -15.60 6.11
N TYR D 38 34.94 -16.22 5.16
CA TYR D 38 35.36 -17.46 4.57
C TYR D 38 35.98 -17.17 3.21
N ASN D 39 37.22 -17.58 3.03
CA ASN D 39 37.91 -17.32 1.77
C ASN D 39 38.32 -18.62 1.10
N GLY D 40 37.49 -19.64 1.22
CA GLY D 40 37.72 -20.91 0.57
C GLY D 40 38.62 -21.87 1.32
N GLU D 41 38.87 -21.65 2.59
CA GLU D 41 39.72 -22.58 3.32
C GLU D 41 39.06 -23.95 3.34
N LEU D 42 39.86 -25.00 3.25
CA LEU D 42 39.18 -26.28 3.20
C LEU D 42 38.80 -26.84 4.55
N ASP D 43 39.61 -26.59 5.57
CA ASP D 43 39.38 -27.12 6.90
C ASP D 43 39.08 -25.89 7.74
N PHE D 44 37.88 -25.34 7.51
CA PHE D 44 37.56 -24.00 7.99
C PHE D 44 37.38 -23.90 9.50
N SER D 45 36.59 -24.76 10.13
CA SER D 45 36.32 -24.51 11.54
C SER D 45 37.56 -24.69 12.39
N ASP D 46 38.49 -25.53 11.94
CA ASP D 46 39.63 -25.68 12.82
C ASP D 46 40.67 -24.59 12.58
N LYS D 47 40.61 -23.89 11.45
CA LYS D 47 41.42 -22.70 11.25
C LYS D 47 40.79 -21.59 12.07
N VAL D 56 31.65 -18.96 18.06
CA VAL D 56 31.21 -18.94 16.68
C VAL D 56 29.70 -19.26 16.54
N ILE D 57 28.97 -18.41 15.80
CA ILE D 57 27.54 -18.57 15.56
C ILE D 57 27.30 -19.71 14.58
N GLY D 58 26.33 -20.57 14.90
CA GLY D 58 26.13 -21.76 14.09
C GLY D 58 24.94 -21.81 13.15
N THR D 59 23.95 -20.93 13.34
CA THR D 59 22.73 -20.96 12.54
C THR D 59 22.22 -19.53 12.33
N LEU D 60 21.50 -19.35 11.23
CA LEU D 60 20.95 -18.05 10.92
C LEU D 60 19.88 -17.61 11.94
N GLU D 61 19.10 -18.55 12.49
CA GLU D 61 18.15 -18.20 13.54
C GLU D 61 18.86 -17.54 14.70
N GLU D 62 20.02 -18.13 15.02
CA GLU D 62 20.82 -17.75 16.15
C GLU D 62 21.40 -16.35 15.89
N LEU D 63 21.78 -16.01 14.65
CA LEU D 63 22.11 -14.63 14.26
C LEU D 63 20.91 -13.66 14.32
N LEU D 64 19.69 -14.15 13.98
CA LEU D 64 18.53 -13.24 13.95
C LEU D 64 18.13 -12.74 15.34
N GLU D 65 18.02 -13.64 16.34
CA GLU D 65 17.76 -13.16 17.70
C GLU D 65 18.83 -12.24 18.27
N ASN D 66 20.08 -12.36 17.88
CA ASN D 66 21.03 -11.42 18.44
C ASN D 66 21.19 -10.18 17.57
N SER D 67 20.20 -9.87 16.74
CA SER D 67 20.29 -8.76 15.82
C SER D 67 19.09 -7.83 16.00
N PRO D 68 19.31 -6.53 15.89
CA PRO D 68 18.24 -5.57 16.13
C PRO D 68 17.39 -5.32 14.89
N CYS D 69 17.13 -6.35 14.09
CA CYS D 69 16.34 -6.18 12.88
C CYS D 69 15.28 -7.28 12.81
N SER D 70 14.28 -7.05 11.95
CA SER D 70 13.27 -8.08 11.75
C SER D 70 13.87 -9.27 11.00
N ALA D 71 13.16 -10.39 11.07
CA ALA D 71 13.62 -11.59 10.39
C ALA D 71 13.65 -11.39 8.87
N LEU D 72 12.63 -10.73 8.33
CA LEU D 72 12.59 -10.48 6.90
C LEU D 72 13.76 -9.58 6.50
N GLU D 73 14.05 -8.56 7.32
CA GLU D 73 15.16 -7.65 7.03
C GLU D 73 16.51 -8.36 7.08
N GLY D 74 16.75 -9.13 8.13
CA GLY D 74 18.03 -9.81 8.26
C GLY D 74 18.27 -10.84 7.15
N ILE D 75 17.22 -11.57 6.77
CA ILE D 75 17.37 -12.57 5.71
C ILE D 75 17.70 -11.88 4.39
N SER D 76 16.99 -10.79 4.07
CA SER D 76 17.30 -10.08 2.84
C SER D 76 18.74 -9.59 2.85
N LYS D 77 19.16 -9.00 3.98
CA LYS D 77 20.53 -8.53 4.12
C LYS D 77 21.53 -9.68 4.07
N TRP D 78 21.16 -10.84 4.64
CA TRP D 78 22.01 -12.01 4.59
C TRP D 78 22.28 -12.41 3.13
N HIS D 79 21.22 -12.39 2.31
CA HIS D 79 21.38 -12.74 0.89
C HIS D 79 22.24 -11.73 0.14
N LYS D 80 22.14 -10.44 0.50
CA LYS D 80 22.86 -9.40 -0.23
C LYS D 80 24.35 -9.39 0.09
N ILE D 81 24.73 -9.76 1.32
CA ILE D 81 26.14 -9.73 1.73
C ILE D 81 26.87 -11.04 1.49
N GLY D 82 26.19 -12.08 1.03
CA GLY D 82 26.88 -13.35 0.82
C GLY D 82 27.11 -14.15 2.08
N GLY D 83 26.13 -14.17 2.99
CA GLY D 83 26.22 -15.01 4.16
C GLY D 83 26.08 -16.48 3.77
N SER D 84 26.81 -17.34 4.47
CA SER D 84 26.76 -18.77 4.19
C SER D 84 27.00 -19.51 5.49
N VAL D 85 27.15 -20.82 5.38
CA VAL D 85 27.63 -21.63 6.49
C VAL D 85 28.67 -22.58 5.94
N LYS D 86 29.75 -22.73 6.67
CA LYS D 86 30.83 -23.57 6.21
C LYS D 86 31.30 -24.40 7.38
N ASP D 87 31.29 -25.71 7.21
CA ASP D 87 31.87 -26.58 8.21
C ASP D 87 31.17 -26.33 9.55
N GLY D 88 29.84 -26.09 9.50
CA GLY D 88 29.03 -25.78 10.66
C GLY D 88 29.18 -24.38 11.20
N VAL D 89 30.04 -23.57 10.60
CA VAL D 89 30.33 -22.21 11.07
C VAL D 89 29.64 -21.24 10.14
N LEU D 90 28.77 -20.41 10.70
CA LEU D 90 28.17 -19.33 9.92
C LEU D 90 29.23 -18.31 9.55
N CYS D 91 29.23 -17.84 8.31
CA CYS D 91 30.32 -16.99 7.81
C CYS D 91 29.82 -16.06 6.72
N ILE D 92 30.72 -15.23 6.23
CA ILE D 92 30.45 -14.31 5.12
C ILE D 92 31.53 -14.57 4.06
N LEU D 93 31.11 -14.85 2.84
CA LEU D 93 32.08 -15.14 1.80
C LEU D 93 32.89 -13.88 1.48
N SER D 94 34.20 -14.06 1.34
CA SER D 94 35.05 -12.97 0.86
C SER D 94 34.66 -12.60 -0.57
N GLN D 95 34.96 -11.36 -0.95
CA GLN D 95 34.63 -10.91 -2.30
C GLN D 95 35.37 -11.75 -3.34
N ASP D 96 36.60 -12.16 -3.03
CA ASP D 96 37.37 -13.02 -3.93
C ASP D 96 36.73 -14.38 -4.10
N PHE D 97 36.33 -15.02 -2.98
CA PHE D 97 35.78 -16.36 -3.09
C PHE D 97 34.35 -16.35 -3.64
N LEU D 98 33.55 -15.33 -3.30
CA LEU D 98 32.24 -15.20 -3.93
C LEU D 98 32.34 -15.12 -5.46
N PHE D 99 33.32 -14.35 -5.98
CA PHE D 99 33.55 -14.26 -7.44
C PHE D 99 33.89 -15.64 -8.00
N LYS D 100 34.79 -16.35 -7.29
CA LYS D 100 35.28 -17.68 -7.68
C LYS D 100 34.12 -18.68 -7.69
N ALA D 101 33.29 -18.66 -6.65
CA ALA D 101 32.13 -19.54 -6.57
C ALA D 101 31.12 -19.22 -7.67
N LEU D 102 30.88 -17.92 -7.92
CA LEU D 102 29.98 -17.53 -9.01
C LEU D 102 30.50 -18.02 -10.35
N HIS D 103 31.81 -17.88 -10.58
CA HIS D 103 32.36 -18.25 -11.88
C HIS D 103 32.29 -19.75 -12.13
N VAL D 104 32.62 -20.57 -11.12
CA VAL D 104 32.57 -22.01 -11.37
C VAL D 104 31.12 -22.46 -11.56
N LEU D 105 30.18 -21.83 -10.85
CA LEU D 105 28.75 -22.12 -11.08
C LEU D 105 28.38 -21.81 -12.51
N LEU D 106 28.78 -20.64 -12.99
CA LEU D 106 28.51 -20.25 -14.36
C LEU D 106 29.28 -21.13 -15.36
N MET D 107 30.53 -21.48 -15.06
CA MET D 107 31.25 -22.39 -15.95
C MET D 107 30.48 -23.69 -16.14
N SER D 108 30.09 -24.31 -15.03
CA SER D 108 29.44 -25.61 -15.06
C SER D 108 28.03 -25.51 -15.65
N ALA D 109 27.29 -24.45 -15.32
CA ALA D 109 25.92 -24.30 -15.82
C ALA D 109 25.90 -24.17 -17.34
N MET D 110 26.88 -23.46 -17.91
CA MET D 110 26.97 -23.40 -19.36
C MET D 110 27.42 -24.74 -19.94
N ALA D 111 28.42 -25.37 -19.30
CA ALA D 111 28.99 -26.61 -19.83
C ALA D 111 27.98 -27.75 -19.82
N GLU D 112 27.18 -27.86 -18.75
CA GLU D 112 26.16 -28.89 -18.68
C GLU D 112 24.82 -28.42 -19.21
N SER D 113 24.77 -27.24 -19.85
CA SER D 113 23.55 -26.67 -20.40
C SER D 113 22.40 -26.71 -19.39
N LEU D 114 22.65 -26.21 -18.18
CA LEU D 114 21.55 -26.06 -17.23
C LEU D 114 20.67 -24.89 -17.64
N ASP D 115 19.42 -24.90 -17.17
CA ASP D 115 18.47 -23.84 -17.47
C ASP D 115 18.71 -22.64 -16.54
N LEU D 116 19.30 -21.56 -17.09
CA LEU D 116 19.66 -20.40 -16.28
C LEU D 116 18.45 -19.65 -15.71
N GLN D 117 17.25 -19.86 -16.26
CA GLN D 117 16.06 -19.28 -15.65
C GLN D 117 15.44 -20.19 -14.61
N HIS D 118 15.97 -21.43 -14.44
CA HIS D 118 15.38 -22.40 -13.51
C HIS D 118 16.46 -23.27 -12.89
N LEU D 119 17.29 -22.69 -12.04
CA LEU D 119 18.36 -23.44 -11.39
C LEU D 119 17.92 -23.94 -10.02
N ASN D 120 18.37 -25.14 -9.66
CA ASN D 120 18.16 -25.62 -8.31
C ASN D 120 19.50 -26.01 -7.70
N VAL D 121 19.52 -26.10 -6.36
CA VAL D 121 20.78 -26.33 -5.66
C VAL D 121 21.39 -27.68 -6.03
N GLU D 122 20.58 -28.74 -6.10
CA GLU D 122 21.14 -30.09 -6.28
C GLU D 122 21.82 -30.25 -7.64
N ASP D 123 21.11 -29.96 -8.73
CA ASP D 123 21.71 -30.11 -10.06
C ASP D 123 22.91 -29.20 -10.25
N THR D 124 22.84 -27.97 -9.73
CA THR D 124 23.96 -27.04 -9.86
C THR D 124 25.17 -27.53 -9.06
N HIS D 125 24.92 -27.96 -7.83
CA HIS D 125 25.98 -28.54 -7.02
C HIS D 125 26.63 -29.74 -7.71
N HIS D 126 25.83 -30.60 -8.35
CA HIS D 126 26.39 -31.72 -9.11
C HIS D 126 27.23 -31.23 -10.31
N ALA D 127 26.70 -30.29 -11.10
CA ALA D 127 27.40 -29.80 -12.26
C ALA D 127 28.76 -29.23 -11.89
N VAL D 128 28.86 -28.53 -10.75
CA VAL D 128 30.13 -27.95 -10.30
C VAL D 128 31.08 -29.03 -9.76
N GLY D 129 30.55 -29.98 -9.00
CA GLY D 129 31.39 -30.96 -8.32
C GLY D 129 31.92 -32.11 -9.15
N LYS D 130 31.38 -32.31 -10.35
CA LYS D 130 31.70 -33.51 -11.14
C LYS D 130 33.18 -33.57 -11.49
N ASP D 131 33.81 -32.41 -11.69
CA ASP D 131 35.20 -32.34 -12.12
C ASP D 131 36.10 -31.74 -11.04
N ILE D 132 35.76 -31.93 -9.79
CA ILE D 132 36.60 -31.55 -8.67
C ILE D 132 36.65 -32.75 -7.72
N GLU D 133 37.82 -33.00 -7.14
CA GLU D 133 37.97 -34.14 -6.24
C GLU D 133 37.29 -33.80 -4.90
N ASP D 134 36.37 -34.68 -4.45
CA ASP D 134 35.41 -34.39 -3.36
C ASP D 134 36.11 -33.83 -2.13
N GLU D 135 37.38 -34.23 -2.09
CA GLU D 135 38.51 -33.92 -1.26
C GLU D 135 38.65 -32.41 -1.01
N PHE D 136 39.20 -31.67 -1.96
CA PHE D 136 39.24 -30.19 -2.09
C PHE D 136 38.06 -29.57 -2.80
N ASN D 137 36.83 -29.93 -2.51
CA ASN D 137 35.79 -29.17 -3.18
C ASN D 137 35.10 -28.22 -2.20
N PRO D 138 35.41 -26.91 -2.19
CA PRO D 138 34.77 -26.03 -1.21
C PRO D 138 33.37 -25.56 -1.58
N TYR D 139 32.86 -25.95 -2.74
CA TYR D 139 31.57 -25.47 -3.25
C TYR D 139 30.46 -26.40 -2.78
N THR D 140 30.17 -26.32 -1.48
CA THR D 140 29.12 -27.11 -0.87
C THR D 140 27.74 -26.62 -1.31
N ARG D 141 26.72 -27.39 -0.90
CA ARG D 141 25.34 -27.02 -1.19
C ARG D 141 25.00 -25.66 -0.59
N GLU D 142 25.51 -25.36 0.60
CA GLU D 142 25.27 -24.07 1.20
C GLU D 142 26.02 -22.94 0.48
N ILE D 143 27.24 -23.21 -0.02
CA ILE D 143 27.94 -22.20 -0.82
C ILE D 143 27.15 -21.89 -2.11
N ILE D 144 26.72 -22.95 -2.80
CA ILE D 144 25.91 -22.79 -4.00
C ILE D 144 24.65 -21.98 -3.71
N GLU D 145 23.98 -22.31 -2.60
CA GLU D 145 22.74 -21.61 -2.28
C GLU D 145 23.00 -20.13 -2.03
N THR D 146 24.13 -19.81 -1.41
CA THR D 146 24.49 -18.44 -1.20
C THR D 146 24.66 -17.71 -2.51
N VAL D 147 25.34 -18.35 -3.48
CA VAL D 147 25.57 -17.69 -4.77
C VAL D 147 24.24 -17.36 -5.46
N LEU D 148 23.33 -18.34 -5.50
CA LEU D 148 22.03 -18.16 -6.11
C LEU D 148 21.19 -17.10 -5.38
N ASN D 149 21.26 -17.07 -4.06
CA ASN D 149 20.53 -16.05 -3.31
C ASN D 149 21.15 -14.67 -3.51
N LYS D 150 22.41 -14.60 -3.96
CA LYS D 150 23.04 -13.31 -4.23
C LYS D 150 22.80 -12.84 -5.65
N PHE D 151 22.94 -13.73 -6.64
CA PHE D 151 22.97 -13.36 -8.05
C PHE D 151 21.75 -13.83 -8.85
N ALA D 152 20.69 -14.28 -8.17
CA ALA D 152 19.50 -14.78 -8.85
C ALA D 152 18.28 -14.49 -7.99
N VAL D 153 17.10 -14.69 -8.58
CA VAL D 153 15.82 -14.47 -7.92
C VAL D 153 15.11 -15.80 -7.78
N GLN D 154 14.63 -16.08 -6.59
CA GLN D 154 13.97 -17.34 -6.26
C GLN D 154 12.47 -17.30 -6.58
N GLU D 155 11.95 -18.42 -7.07
CA GLU D 155 10.54 -18.45 -7.50
C GLU D 155 9.96 -19.81 -7.10
N ASN D 161 13.83 -23.19 -3.58
CA ASN D 161 13.04 -23.81 -4.65
C ASN D 161 13.77 -23.75 -6.00
N THR D 162 13.45 -22.75 -6.82
CA THR D 162 14.07 -22.57 -8.12
C THR D 162 14.55 -21.13 -8.24
N TRP D 163 15.65 -20.92 -8.98
CA TRP D 163 16.24 -19.60 -9.13
C TRP D 163 16.34 -19.23 -10.61
N ARG D 164 16.19 -17.95 -10.86
CA ARG D 164 16.38 -17.36 -12.18
C ARG D 164 17.54 -16.36 -12.07
N LEU D 165 18.58 -16.57 -12.86
CA LEU D 165 19.77 -15.73 -12.80
C LEU D 165 19.45 -14.28 -13.16
N ARG D 166 20.05 -13.35 -12.41
CA ARG D 166 19.98 -11.93 -12.75
C ARG D 166 21.15 -11.59 -13.69
N ILE D 167 20.95 -11.77 -14.99
CA ILE D 167 22.06 -11.71 -15.96
C ILE D 167 22.69 -10.32 -16.05
N PRO D 168 21.94 -9.22 -16.20
CA PRO D 168 22.62 -7.91 -16.23
C PRO D 168 23.35 -7.60 -14.92
N PHE D 169 22.82 -8.03 -13.76
CA PHE D 169 23.52 -7.81 -12.50
C PHE D 169 24.82 -8.62 -12.42
N ILE D 170 24.79 -9.87 -12.89
CA ILE D 170 26.01 -10.66 -12.92
C ILE D 170 27.07 -9.99 -13.80
N ALA D 171 26.66 -9.51 -14.99
CA ALA D 171 27.60 -8.83 -15.88
C ALA D 171 28.20 -7.59 -15.21
N GLN D 172 27.34 -6.75 -14.64
CA GLN D 172 27.79 -5.58 -13.90
C GLN D 172 28.75 -6.00 -12.80
N TRP D 173 28.41 -7.08 -12.07
CA TRP D 173 29.25 -7.52 -10.95
C TRP D 173 30.61 -7.99 -11.44
N TYR D 174 30.63 -8.72 -12.57
CA TYR D 174 31.90 -9.05 -13.20
C TYR D 174 32.70 -7.80 -13.53
N GLY D 175 32.03 -6.78 -14.07
CA GLY D 175 32.72 -5.55 -14.42
C GLY D 175 33.31 -4.86 -13.19
N ILE D 176 32.59 -4.85 -12.07
CA ILE D 176 33.16 -4.27 -10.86
C ILE D 176 34.43 -5.02 -10.47
N GLN D 177 34.40 -6.36 -10.57
CA GLN D 177 35.61 -7.15 -10.31
C GLN D 177 36.72 -6.83 -11.30
N ALA D 178 36.38 -6.69 -12.59
CA ALA D 178 37.39 -6.33 -13.57
C ALA D 178 38.05 -4.97 -13.24
N LEU D 179 37.24 -3.98 -12.82
CA LEU D 179 37.83 -2.70 -12.41
C LEU D 179 38.81 -2.86 -11.25
N ARG D 180 38.41 -3.58 -10.19
CA ARG D 180 39.32 -3.73 -9.04
C ARG D 180 40.57 -4.50 -9.39
N LYS D 181 40.47 -5.47 -10.29
CA LYS D 181 41.61 -6.31 -10.64
C LYS D 181 42.59 -5.59 -11.55
N TYR D 182 42.07 -4.84 -12.51
CA TYR D 182 42.87 -4.34 -13.61
C TYR D 182 43.19 -2.86 -13.53
N VAL D 183 42.42 -2.08 -12.79
CA VAL D 183 42.54 -0.64 -12.97
C VAL D 183 42.40 0.02 -11.59
N SER D 184 42.91 -0.69 -10.58
CA SER D 184 43.02 -0.21 -9.21
C SER D 184 44.32 0.59 -9.08
N GLY D 185 44.22 1.92 -8.99
CA GLY D 185 45.44 2.72 -8.91
C GLY D 185 46.20 2.91 -10.22
N ILE D 186 45.79 2.26 -11.31
CA ILE D 186 46.31 2.56 -12.64
C ILE D 186 45.10 2.69 -13.55
N SER D 187 45.31 3.30 -14.71
CA SER D 187 44.24 3.45 -15.70
C SER D 187 44.56 2.68 -16.97
N MET D 188 43.55 2.50 -17.83
CA MET D 188 43.75 1.81 -19.10
C MET D 188 42.73 2.27 -20.11
N PRO D 189 42.99 2.11 -21.40
CA PRO D 189 41.99 2.46 -22.41
C PRO D 189 40.70 1.68 -22.21
N ILE D 190 39.60 2.38 -22.49
CA ILE D 190 38.27 1.83 -22.27
C ILE D 190 38.02 0.61 -23.16
N ASP D 191 38.48 0.64 -24.42
CA ASP D 191 38.19 -0.50 -25.29
C ASP D 191 38.94 -1.74 -24.85
N GLU D 192 40.19 -1.55 -24.42
CA GLU D 192 40.95 -2.66 -23.86
C GLU D 192 40.29 -3.15 -22.56
N PHE D 193 39.82 -2.22 -21.71
CA PHE D 193 39.14 -2.65 -20.51
C PHE D 193 37.87 -3.43 -20.86
N LEU D 194 37.10 -2.95 -21.84
CA LEU D 194 35.88 -3.68 -22.21
C LEU D 194 36.19 -5.12 -22.64
N ILE D 195 37.31 -5.31 -23.35
CA ILE D 195 37.75 -6.65 -23.78
C ILE D 195 38.17 -7.48 -22.59
N LYS D 196 38.96 -6.88 -21.68
CA LYS D 196 39.36 -7.63 -20.49
C LYS D 196 38.15 -7.99 -19.67
N TRP D 197 37.21 -7.06 -19.52
CA TRP D 197 35.95 -7.40 -18.82
C TRP D 197 35.27 -8.58 -19.53
N LYS D 198 35.07 -8.50 -20.84
CA LYS D 198 34.37 -9.59 -21.53
C LYS D 198 35.13 -10.90 -21.42
N SER D 199 36.46 -10.86 -21.41
CA SER D 199 37.24 -12.09 -21.37
C SER D 199 37.04 -12.88 -20.08
N LEU D 200 36.51 -12.27 -19.00
CA LEU D 200 36.35 -13.01 -17.76
C LEU D 200 35.17 -14.00 -17.78
N PHE D 201 34.17 -13.80 -18.65
CA PHE D 201 32.99 -14.67 -18.62
C PHE D 201 33.28 -16.06 -19.20
N PRO D 202 32.54 -17.08 -18.78
CA PRO D 202 32.53 -18.33 -19.53
C PRO D 202 32.15 -18.08 -20.96
N PRO D 203 32.65 -18.90 -21.89
CA PRO D 203 32.55 -18.59 -23.33
C PRO D 203 31.18 -18.25 -23.91
N PHE D 204 30.16 -19.05 -23.67
CA PHE D 204 28.88 -18.70 -24.30
C PHE D 204 27.93 -17.95 -23.37
N PHE D 205 28.42 -17.38 -22.29
CA PHE D 205 27.52 -16.70 -21.36
C PHE D 205 26.78 -15.54 -22.03
N PRO D 206 25.44 -15.53 -22.03
CA PRO D 206 24.61 -14.58 -22.78
C PRO D 206 24.43 -13.22 -22.09
N CYS D 207 25.44 -12.37 -22.19
CA CYS D 207 25.41 -11.04 -21.58
C CYS D 207 26.07 -10.01 -22.49
N ASP D 208 25.50 -8.82 -22.46
CA ASP D 208 26.04 -7.62 -23.08
C ASP D 208 26.74 -6.78 -22.03
N ILE D 209 27.84 -6.14 -22.41
CA ILE D 209 28.49 -5.22 -21.49
C ILE D 209 28.45 -3.81 -22.06
N ASP D 210 28.53 -2.85 -21.13
CA ASP D 210 28.52 -1.44 -21.45
C ASP D 210 29.12 -0.72 -20.25
N ILE D 211 30.01 0.25 -20.50
CA ILE D 211 30.70 0.94 -19.40
C ILE D 211 29.70 1.64 -18.48
N ASP D 212 28.53 2.04 -19.01
CA ASP D 212 27.52 2.68 -18.17
C ASP D 212 27.05 1.79 -17.03
N MET D 213 27.15 0.47 -17.18
CA MET D 213 26.81 -0.44 -16.09
C MET D 213 27.63 -0.17 -14.85
N LEU D 214 28.80 0.44 -15.04
CA LEU D 214 29.79 0.62 -13.98
C LEU D 214 29.79 2.05 -13.45
N ARG D 215 28.74 2.82 -13.75
CA ARG D 215 28.54 4.12 -13.11
C ARG D 215 28.46 3.94 -11.59
N GLY D 216 29.16 4.82 -10.87
CA GLY D 216 29.30 4.68 -9.44
C GLY D 216 30.51 3.89 -9.01
N TYR D 217 31.26 3.26 -9.95
CA TYR D 217 32.45 2.47 -9.61
C TYR D 217 33.71 2.89 -10.38
N HIS D 218 33.61 3.88 -11.25
CA HIS D 218 34.77 4.23 -12.05
C HIS D 218 34.72 5.71 -12.34
N PHE D 219 35.87 6.23 -12.77
CA PHE D 219 35.97 7.54 -13.40
C PHE D 219 36.85 7.41 -14.64
N LYS D 220 36.86 8.46 -15.45
CA LYS D 220 37.55 8.54 -16.75
C LYS D 220 38.61 9.64 -16.73
N PRO D 221 39.88 9.34 -16.41
CA PRO D 221 40.91 10.40 -16.32
C PRO D 221 41.09 11.17 -17.62
N THR D 222 41.00 10.48 -18.74
CA THR D 222 40.80 11.06 -20.05
C THR D 222 39.54 10.43 -20.61
N ASP D 223 38.98 11.04 -21.66
CA ASP D 223 37.72 10.51 -22.16
C ASP D 223 37.87 9.14 -22.82
N LYS D 224 39.11 8.66 -23.03
CA LYS D 224 39.36 7.35 -23.62
C LYS D 224 39.93 6.34 -22.64
N THR D 225 40.06 6.67 -21.35
CA THR D 225 40.66 5.77 -20.36
C THR D 225 39.72 5.61 -19.16
N VAL D 226 39.98 4.61 -18.33
CA VAL D 226 39.11 4.35 -17.20
C VAL D 226 39.95 3.92 -16.01
N GLN D 227 39.46 4.24 -14.81
CA GLN D 227 40.07 3.86 -13.54
C GLN D 227 39.01 3.59 -12.47
N TYR D 228 39.30 2.65 -11.60
CA TYR D 228 38.41 2.28 -10.50
C TYR D 228 38.38 3.38 -9.43
N ILE D 229 37.21 3.56 -8.80
CA ILE D 229 37.12 4.38 -7.60
C ILE D 229 36.16 3.71 -6.61
N ALA D 230 36.57 3.73 -5.35
CA ALA D 230 35.77 3.27 -4.22
C ALA D 230 35.05 4.48 -3.63
N LYS D 231 33.73 4.51 -3.79
CA LYS D 231 32.92 5.62 -3.30
C LYS D 231 33.13 5.84 -1.79
N SER D 232 33.42 4.78 -1.04
CA SER D 232 33.55 4.89 0.41
C SER D 232 34.75 5.71 0.85
N THR D 233 35.72 5.96 -0.03
CA THR D 233 36.92 6.70 0.35
C THR D 233 36.84 8.19 0.03
N LEU D 234 35.71 8.67 -0.53
CA LEU D 234 35.53 10.06 -0.94
C LEU D 234 35.18 10.93 0.26
N PRO D 235 35.48 12.23 0.19
CA PRO D 235 35.18 13.12 1.31
C PRO D 235 33.69 13.18 1.62
N MET D 236 33.38 13.35 2.89
CA MET D 236 32.00 13.48 3.32
C MET D 236 31.49 14.90 3.28
N ASP D 237 32.35 15.89 3.09
CA ASP D 237 31.87 17.25 2.84
C ASP D 237 31.53 17.40 1.36
N PRO D 238 30.29 17.79 1.01
CA PRO D 238 29.94 17.80 -0.42
C PRO D 238 30.83 18.73 -1.23
N LYS D 239 31.28 19.85 -0.67
CA LYS D 239 32.13 20.72 -1.47
C LYS D 239 33.49 20.08 -1.73
N GLU D 240 34.07 19.45 -0.71
CA GLU D 240 35.32 18.73 -0.87
C GLU D 240 35.19 17.53 -1.79
N ARG D 241 34.04 16.84 -1.77
CA ARG D 241 33.88 15.68 -2.65
C ARG D 241 33.86 16.10 -4.12
N PHE D 242 33.14 17.17 -4.46
CA PHE D 242 33.14 17.66 -5.84
C PHE D 242 34.53 18.12 -6.27
N LYS D 243 35.25 18.79 -5.37
CA LYS D 243 36.63 19.18 -5.67
C LYS D 243 37.47 17.97 -6.02
N VAL D 244 37.35 16.89 -5.22
CA VAL D 244 38.13 15.69 -5.50
C VAL D 244 37.77 15.11 -6.86
N LEU D 245 36.47 15.03 -7.15
CA LEU D 245 36.01 14.39 -8.39
C LEU D 245 36.40 15.20 -9.62
N PHE D 246 36.43 16.54 -9.54
CA PHE D 246 36.88 17.35 -10.69
C PHE D 246 38.42 17.33 -10.84
N ARG D 247 39.16 17.05 -9.77
CA ARG D 247 40.58 16.76 -9.91
C ARG D 247 40.82 15.41 -10.58
N LEU D 248 39.96 14.43 -10.33
CA LEU D 248 40.15 13.13 -10.98
C LEU D 248 39.75 13.16 -12.45
N GLN D 249 38.73 13.95 -12.79
CA GLN D 249 38.21 14.02 -14.14
C GLN D 249 37.53 15.37 -14.27
N SER D 250 38.06 16.23 -15.15
CA SER D 250 37.65 17.63 -15.12
C SER D 250 36.26 17.86 -15.72
N GLN D 251 35.80 16.98 -16.63
CA GLN D 251 34.46 17.11 -17.19
C GLN D 251 33.75 15.76 -17.16
N TRP D 252 32.55 15.75 -16.58
CA TRP D 252 31.78 14.52 -16.37
C TRP D 252 30.46 14.58 -17.13
N ASP D 253 30.07 13.45 -17.71
CA ASP D 253 28.65 13.24 -17.98
C ASP D 253 27.88 13.32 -16.66
N LEU D 254 26.75 14.05 -16.69
CA LEU D 254 25.97 14.20 -15.47
C LEU D 254 25.61 12.83 -14.86
N GLU D 255 25.24 11.85 -15.71
CA GLU D 255 24.87 10.53 -15.22
C GLU D 255 26.05 9.71 -14.71
N ASP D 256 27.28 10.01 -15.14
CA ASP D 256 28.44 9.35 -14.56
C ASP D 256 28.76 9.85 -13.16
N ILE D 257 28.60 11.15 -12.90
CA ILE D 257 29.01 11.65 -11.59
C ILE D 257 27.89 11.44 -10.57
N LYS D 258 26.64 11.38 -11.00
CA LYS D 258 25.52 11.37 -10.06
C LYS D 258 25.62 10.30 -8.97
N PRO D 259 25.88 9.02 -9.28
CA PRO D 259 25.96 8.01 -8.20
C PRO D 259 27.14 8.19 -7.25
N LEU D 260 28.16 8.96 -7.62
CA LEU D 260 29.26 9.18 -6.73
C LEU D 260 28.98 10.30 -5.72
N ILE D 261 27.92 11.09 -5.95
CA ILE D 261 27.60 12.22 -5.10
C ILE D 261 26.22 12.12 -4.43
N GLU D 262 25.33 11.21 -4.82
CA GLU D 262 23.90 11.30 -4.50
C GLU D 262 23.69 11.29 -2.97
N GLU D 263 24.53 10.49 -2.29
CA GLU D 263 24.47 10.22 -0.86
C GLU D 263 24.75 11.44 -0.03
N LEU D 264 25.45 12.43 -0.58
CA LEU D 264 25.69 13.59 0.24
C LEU D 264 24.55 14.59 0.15
N ASN D 265 23.49 14.27 -0.62
CA ASN D 265 22.37 15.19 -0.80
C ASN D 265 21.34 14.99 0.33
N SER D 266 21.81 15.32 1.54
CA SER D 266 21.01 15.14 2.75
C SER D 266 19.90 16.16 2.90
N ARG D 267 19.94 17.26 2.15
CA ARG D 267 18.79 18.16 2.17
C ARG D 267 17.65 17.65 1.30
N GLY D 268 17.89 16.61 0.51
CA GLY D 268 16.86 16.08 -0.33
C GLY D 268 16.43 16.96 -1.49
N MET D 269 17.25 17.93 -1.89
CA MET D 269 16.87 18.73 -3.05
C MET D 269 16.90 17.87 -4.33
N LYS D 270 16.31 18.41 -5.40
CA LYS D 270 16.41 17.73 -6.69
C LYS D 270 17.88 17.48 -7.01
N ILE D 271 18.19 16.26 -7.44
CA ILE D 271 19.60 15.89 -7.55
C ILE D 271 20.33 16.78 -8.56
N ASP D 272 19.65 17.17 -9.66
CA ASP D 272 20.21 18.11 -10.61
C ASP D 272 20.51 19.46 -9.94
N SER D 273 19.64 19.90 -9.04
CA SER D 273 19.85 21.17 -8.34
C SER D 273 20.98 21.08 -7.32
N PHE D 274 21.10 19.93 -6.66
CA PHE D 274 22.23 19.74 -5.77
C PHE D 274 23.56 19.85 -6.53
N ILE D 275 23.64 19.17 -7.68
CA ILE D 275 24.88 19.20 -8.46
C ILE D 275 25.17 20.63 -8.91
N MET D 276 24.11 21.41 -9.23
CA MET D 276 24.22 22.79 -9.68
C MET D 276 24.79 23.72 -8.65
N LYS D 277 24.74 23.34 -7.37
CA LYS D 277 25.37 24.16 -6.36
C LYS D 277 26.87 24.07 -6.42
N TYR D 278 27.41 22.98 -6.97
CA TYR D 278 28.84 22.81 -6.91
C TYR D 278 29.50 22.73 -8.28
N ALA D 279 28.72 22.80 -9.37
CA ALA D 279 29.25 22.57 -10.71
C ALA D 279 28.42 23.34 -11.75
N ARG D 280 28.96 23.54 -12.95
CA ARG D 280 28.12 24.10 -14.01
C ARG D 280 27.85 23.08 -15.09
N ARG D 281 26.70 23.18 -15.72
CA ARG D 281 26.40 22.30 -16.84
C ARG D 281 26.26 23.05 -18.15
N LYS D 282 26.33 22.28 -19.21
CA LYS D 282 26.20 22.53 -20.64
C LYS D 282 25.61 21.28 -21.27
N ARG D 283 24.70 21.45 -22.24
CA ARG D 283 24.19 20.30 -22.93
C ARG D 283 25.05 20.16 -24.17
N LEU D 284 25.65 19.00 -24.33
CA LEU D 284 26.51 18.70 -25.46
C LEU D 284 25.71 17.70 -26.30
N GLY D 285 24.94 18.21 -27.26
CA GLY D 285 24.10 17.31 -28.04
C GLY D 285 22.97 16.68 -27.25
N LYS D 286 23.05 15.37 -27.02
CA LYS D 286 22.04 14.70 -26.23
C LYS D 286 22.34 14.68 -24.73
N LYS D 287 23.59 14.80 -24.34
CA LYS D 287 23.87 14.73 -22.90
C LYS D 287 24.19 16.07 -22.26
N THR D 288 24.21 15.99 -20.95
CA THR D 288 24.61 17.06 -20.05
C THR D 288 25.96 16.73 -19.43
N VAL D 289 26.89 17.69 -19.50
CA VAL D 289 28.23 17.59 -18.96
C VAL D 289 28.37 18.65 -17.87
N VAL D 290 29.16 18.34 -16.87
CA VAL D 290 29.42 19.23 -15.75
C VAL D 290 30.92 19.41 -15.57
N THR D 291 31.30 20.59 -15.11
CA THR D 291 32.68 20.93 -14.77
C THR D 291 32.62 21.69 -13.45
N SER D 292 33.78 21.88 -12.83
CA SER D 292 33.80 22.59 -11.55
C SER D 292 33.37 24.06 -11.73
N ARG D 293 32.80 24.63 -10.68
CA ARG D 293 32.54 26.08 -10.64
C ARG D 293 33.84 26.81 -10.31
#